data_4CZ2
#
_entry.id   4CZ2
#
_cell.length_a   113.050
_cell.length_b   122.490
_cell.length_c   131.580
_cell.angle_alpha   90.00
_cell.angle_beta   113.25
_cell.angle_gamma   90.00
#
_symmetry.space_group_name_H-M   'C 1 2 1'
#
loop_
_entity.id
_entity.type
_entity.pdbx_description
1 polymer 'RAS-RELATED PROTEIN RAB-32'
2 polymer 'ANKYRIN REPEAT DOMAIN-CONTAINING PROTEIN 27'
3 non-polymer 'PHOSPHOMETHYLPHOSPHONIC ACID GUANYLATE ESTER'
4 non-polymer 'MAGNESIUM ION'
5 water water
#
loop_
_entity_poly.entity_id
_entity_poly.type
_entity_poly.pdbx_seq_one_letter_code
_entity_poly.pdbx_strand_id
1 'polypeptide(L)'
;GPLGS(MSE)AGGGAGDPGLGAAAAPAPETREHLFKVLVIGELGVGKTSIIKRYVHQLFSQHYRATIGVDFALKVLNWDS
RTLVRLQLWDIAGLERFGN(MSE)TRVYYKEA(MSE)GAFVVFDISRSSTFEAVLKWKSDLDSKVHLPNGSPIPAVLLAN
KCDQNKDSS(MSE)SPSQ(MSE)DQFCKEHGFAGWFETSAKDNINIEEAARFLVEK(MSE)LVNHQSFPNEENDVDKIKL
DQETLRAENKSQCC
;
A,B,C
2 'polypeptide(L)'
;GPLGSMDPSVVTPFSRDDRGHTPLHVAAVCGQASLIDLLVSKGAMVNATDYHGATPLHLACQKGYQSVTLLLLHYKASAE
VQDNNGNTPLHLACTYGHEDCVKALVYYDVESCRLDIGNEKGDTPLHIAARWGYQGVIETLLQNGASTEIQNRLKETPLK
CALNSKILSVMEAYHLSFERRQKSSEAPVQSPQRSVDHHHHHH
;
D,E,F
#
loop_
_chem_comp.id
_chem_comp.type
_chem_comp.name
_chem_comp.formula
GCP non-polymer 'PHOSPHOMETHYLPHOSPHONIC ACID GUANYLATE ESTER' 'C11 H18 N5 O13 P3'
MG non-polymer 'MAGNESIUM ION' 'Mg 2'
#
# COMPACT_ATOMS: atom_id res chain seq x y z
N ARG A 27 -36.78 -27.41 -23.50
CA ARG A 27 -36.82 -26.14 -22.69
C ARG A 27 -35.55 -25.87 -21.85
N GLU A 28 -34.91 -24.72 -22.05
CA GLU A 28 -33.65 -24.38 -21.38
C GLU A 28 -33.85 -23.18 -20.49
N HIS A 29 -33.45 -23.27 -19.23
CA HIS A 29 -33.32 -22.09 -18.39
C HIS A 29 -31.91 -21.64 -18.20
N LEU A 30 -31.76 -20.35 -17.93
CA LEU A 30 -30.46 -19.83 -17.55
C LEU A 30 -30.57 -18.89 -16.39
N PHE A 31 -29.96 -19.28 -15.29
CA PHE A 31 -30.09 -18.58 -14.04
C PHE A 31 -28.74 -17.96 -13.62
N LYS A 32 -28.72 -16.64 -13.48
CA LYS A 32 -27.66 -15.93 -12.80
C LYS A 32 -27.76 -16.14 -11.31
N VAL A 33 -26.77 -16.81 -10.74
CA VAL A 33 -26.69 -17.06 -9.31
C VAL A 33 -25.48 -16.36 -8.69
N LEU A 34 -25.76 -15.51 -7.71
CA LEU A 34 -24.72 -14.83 -6.98
C LEU A 34 -24.19 -15.72 -5.87
N VAL A 35 -22.88 -15.70 -5.65
CA VAL A 35 -22.30 -16.28 -4.43
C VAL A 35 -21.54 -15.20 -3.67
N ILE A 36 -22.01 -14.89 -2.46
CA ILE A 36 -21.49 -13.75 -1.72
C ILE A 36 -21.21 -14.08 -0.27
N GLY A 37 -20.44 -13.23 0.41
CA GLY A 37 -20.03 -13.48 1.78
C GLY A 37 -18.61 -13.01 2.02
N GLU A 38 -18.18 -13.06 3.28
CA GLU A 38 -16.91 -12.43 3.69
C GLU A 38 -15.69 -13.12 3.11
N LEU A 39 -14.50 -12.55 3.33
CA LEU A 39 -13.29 -13.12 2.72
C LEU A 39 -12.90 -14.39 3.42
N GLY A 40 -12.06 -15.13 2.75
CA GLY A 40 -11.79 -16.54 3.09
C GLY A 40 -12.91 -17.51 3.48
N VAL A 41 -14.13 -17.19 3.17
CA VAL A 41 -15.26 -17.93 3.73
C VAL A 41 -15.50 -19.28 3.00
N GLY A 42 -14.96 -19.40 1.78
CA GLY A 42 -15.06 -20.63 0.98
C GLY A 42 -15.78 -20.55 -0.35
N LYS A 43 -16.17 -19.35 -0.75
CA LYS A 43 -17.07 -19.15 -1.91
C LYS A 43 -16.51 -19.76 -3.20
N THR A 44 -15.27 -19.41 -3.48
CA THR A 44 -14.61 -19.88 -4.68
C THR A 44 -14.48 -21.40 -4.67
N SER A 45 -14.24 -21.99 -3.49
CA SER A 45 -13.96 -23.44 -3.38
C SER A 45 -15.25 -24.23 -3.51
N ILE A 46 -16.35 -23.63 -3.03
CA ILE A 46 -17.68 -24.21 -3.18
C ILE A 46 -17.98 -24.34 -4.65
N ILE A 47 -17.79 -23.25 -5.37
CA ILE A 47 -18.03 -23.26 -6.81
C ILE A 47 -17.13 -24.24 -7.54
N LYS A 48 -15.84 -24.17 -7.25
CA LYS A 48 -14.85 -25.04 -7.89
C LYS A 48 -15.14 -26.52 -7.64
N ARG A 49 -15.63 -26.85 -6.45
CA ARG A 49 -16.04 -28.21 -6.16
C ARG A 49 -17.22 -28.57 -7.04
N TYR A 50 -18.26 -27.74 -6.96
CA TYR A 50 -19.53 -28.04 -7.63
C TYR A 50 -19.32 -28.25 -9.10
N VAL A 51 -18.47 -27.43 -9.67
CA VAL A 51 -18.33 -27.40 -11.12
C VAL A 51 -17.23 -28.34 -11.61
N HIS A 52 -16.08 -28.39 -10.95
CA HIS A 52 -14.97 -29.25 -11.42
C HIS A 52 -14.53 -30.37 -10.46
N GLN A 53 -15.34 -30.67 -9.45
CA GLN A 53 -14.92 -31.52 -8.33
C GLN A 53 -13.41 -31.39 -8.08
N LEU A 54 -13.00 -30.22 -7.60
CA LEU A 54 -11.69 -30.04 -7.05
C LEU A 54 -11.68 -29.20 -5.79
N PHE A 55 -10.67 -29.42 -4.98
CA PHE A 55 -10.46 -28.61 -3.80
C PHE A 55 -8.97 -28.35 -3.65
N SER A 56 -8.62 -27.10 -3.37
CA SER A 56 -7.32 -26.77 -2.81
C SER A 56 -7.41 -26.24 -1.39
N GLN A 57 -6.38 -26.52 -0.58
CA GLN A 57 -6.17 -25.89 0.73
C GLN A 57 -5.56 -24.49 0.60
N HIS A 58 -5.11 -24.15 -0.59
CA HIS A 58 -4.31 -22.95 -0.79
C HIS A 58 -5.24 -21.78 -1.05
N TYR A 59 -5.19 -20.73 -0.22
CA TYR A 59 -6.05 -19.54 -0.41
C TYR A 59 -5.54 -18.46 -1.38
N ARG A 60 -6.16 -18.39 -2.56
CA ARG A 60 -5.88 -17.27 -3.46
C ARG A 60 -7.11 -16.39 -3.43
N ALA A 61 -6.92 -15.18 -2.96
CA ALA A 61 -8.01 -14.21 -2.90
C ALA A 61 -8.51 -13.97 -4.31
N THR A 62 -9.82 -14.05 -4.46
CA THR A 62 -10.52 -13.64 -5.67
C THR A 62 -10.42 -12.15 -5.92
N ILE A 63 -10.22 -11.79 -7.17
CA ILE A 63 -9.97 -10.41 -7.55
C ILE A 63 -11.15 -9.91 -8.37
N GLY A 64 -11.95 -9.05 -7.73
CA GLY A 64 -13.21 -8.59 -8.30
C GLY A 64 -14.25 -9.69 -8.33
N VAL A 65 -14.53 -10.20 -9.53
CA VAL A 65 -15.58 -11.17 -9.71
C VAL A 65 -15.08 -12.26 -10.60
N ASP A 66 -15.26 -13.49 -10.15
CA ASP A 66 -15.02 -14.66 -10.96
C ASP A 66 -16.34 -15.31 -11.36
N PHE A 67 -16.27 -16.20 -12.33
CA PHE A 67 -17.45 -16.69 -12.99
C PHE A 67 -17.24 -18.17 -13.20
N ALA A 68 -18.33 -18.90 -13.14
CA ALA A 68 -18.32 -20.27 -13.60
C ALA A 68 -19.69 -20.74 -14.04
N LEU A 69 -19.68 -21.78 -14.87
CA LEU A 69 -20.87 -22.25 -15.55
C LEU A 69 -21.15 -23.68 -15.14
N LYS A 70 -22.33 -23.92 -14.61
CA LYS A 70 -22.78 -25.27 -14.35
C LYS A 70 -23.99 -25.60 -15.21
N VAL A 71 -23.93 -26.75 -15.89
CA VAL A 71 -25.03 -27.27 -16.71
C VAL A 71 -25.60 -28.47 -16.01
N LEU A 72 -26.92 -28.58 -16.00
CA LEU A 72 -27.50 -29.77 -15.46
C LEU A 72 -28.88 -30.11 -15.97
N ASN A 73 -29.16 -31.40 -15.88
CA ASN A 73 -30.28 -32.03 -16.57
C ASN A 73 -31.36 -32.28 -15.57
N TRP A 74 -32.19 -31.27 -15.39
CA TRP A 74 -33.21 -31.33 -14.37
C TRP A 74 -34.25 -32.44 -14.65
N ASP A 75 -34.64 -32.57 -15.92
CA ASP A 75 -35.75 -33.41 -16.40
C ASP A 75 -35.32 -34.05 -17.69
N SER A 76 -36.22 -34.84 -18.26
CA SER A 76 -36.24 -35.11 -19.69
C SER A 76 -36.61 -33.84 -20.45
N ARG A 77 -37.49 -33.05 -19.84
CA ARG A 77 -38.11 -31.90 -20.48
C ARG A 77 -37.31 -30.60 -20.28
N THR A 78 -36.39 -30.59 -19.31
CA THR A 78 -35.84 -29.35 -18.75
C THR A 78 -34.32 -29.44 -18.65
N LEU A 79 -33.65 -28.46 -19.20
CA LEU A 79 -32.22 -28.27 -18.95
C LEU A 79 -32.07 -26.95 -18.24
N VAL A 80 -31.24 -26.93 -17.19
CA VAL A 80 -30.81 -25.66 -16.63
C VAL A 80 -29.30 -25.45 -16.63
N ARG A 81 -28.99 -24.16 -16.67
CA ARG A 81 -27.66 -23.66 -16.91
C ARG A 81 -27.49 -22.61 -15.84
N LEU A 82 -26.43 -22.71 -15.05
CA LEU A 82 -26.19 -21.78 -13.94
C LEU A 82 -24.96 -20.94 -14.22
N GLN A 83 -25.17 -19.63 -14.29
CA GLN A 83 -24.08 -18.67 -14.26
C GLN A 83 -23.75 -18.30 -12.83
N LEU A 84 -22.58 -18.75 -12.37
CA LEU A 84 -22.22 -18.59 -10.99
C LEU A 84 -21.31 -17.41 -10.88
N TRP A 85 -21.81 -16.39 -10.18
CA TRP A 85 -21.08 -15.14 -10.02
C TRP A 85 -20.36 -15.12 -8.65
N ASP A 86 -19.05 -15.35 -8.70
CA ASP A 86 -18.22 -15.44 -7.51
C ASP A 86 -17.70 -14.03 -7.15
N ILE A 87 -18.16 -13.51 -6.01
CA ILE A 87 -18.00 -12.11 -5.68
C ILE A 87 -17.11 -11.98 -4.46
N ALA A 88 -15.85 -11.66 -4.75
CA ALA A 88 -14.85 -11.29 -3.73
C ALA A 88 -15.45 -10.64 -2.49
N GLY A 89 -15.03 -11.08 -1.32
CA GLY A 89 -15.64 -10.61 -0.11
C GLY A 89 -15.25 -9.18 0.18
N LEU A 90 -14.19 -8.73 -0.47
CA LEU A 90 -13.76 -7.35 -0.44
C LEU A 90 -14.75 -6.43 -1.12
N GLU A 91 -15.40 -6.92 -2.17
CA GLU A 91 -16.15 -6.07 -3.08
C GLU A 91 -17.34 -5.36 -2.41
N ARG A 92 -17.68 -5.74 -1.18
CA ARG A 92 -18.75 -5.05 -0.48
C ARG A 92 -18.32 -3.74 0.16
N PHE A 93 -17.04 -3.42 0.12
CA PHE A 93 -16.55 -2.14 0.59
C PHE A 93 -16.20 -1.24 -0.60
N GLY A 94 -16.67 -1.62 -1.79
CA GLY A 94 -16.44 -0.85 -3.00
C GLY A 94 -17.81 -0.51 -3.51
N ASN A 95 -17.93 0.16 -4.65
CA ASN A 95 -19.24 0.69 -5.05
C ASN A 95 -19.80 -0.09 -6.20
N MSE A 96 -19.46 -1.37 -6.29
CA MSE A 96 -19.64 -2.08 -7.54
C MSE A 96 -20.66 -3.18 -7.45
O MSE A 96 -20.79 -3.97 -8.37
CB MSE A 96 -18.33 -2.70 -8.03
CG MSE A 96 -17.37 -1.81 -8.83
SE MSE A 96 -18.10 -0.97 -10.48
CE MSE A 96 -18.03 -2.61 -11.58
N THR A 97 -21.41 -3.25 -6.36
CA THR A 97 -22.26 -4.41 -6.13
C THR A 97 -23.57 -4.28 -6.87
N ARG A 98 -24.06 -3.06 -7.01
CA ARG A 98 -25.23 -2.80 -7.83
C ARG A 98 -25.07 -3.34 -9.23
N VAL A 99 -23.84 -3.29 -9.72
CA VAL A 99 -23.52 -3.79 -11.06
C VAL A 99 -23.52 -5.31 -11.12
N TYR A 100 -22.96 -5.97 -10.12
CA TYR A 100 -22.79 -7.42 -10.16
C TYR A 100 -24.11 -8.15 -9.93
N TYR A 101 -24.90 -7.57 -9.05
CA TYR A 101 -26.12 -8.17 -8.58
C TYR A 101 -27.20 -8.08 -9.65
N LYS A 102 -27.16 -7.09 -10.52
CA LYS A 102 -28.35 -6.75 -11.31
C LYS A 102 -28.96 -7.97 -12.04
N GLU A 103 -30.27 -8.10 -11.90
CA GLU A 103 -31.06 -9.16 -12.57
C GLU A 103 -30.58 -10.57 -12.19
N ALA A 104 -30.24 -10.72 -10.93
CA ALA A 104 -29.82 -11.98 -10.42
C ALA A 104 -31.07 -12.71 -10.09
N MSE A 105 -31.02 -14.01 -10.31
CA MSE A 105 -32.17 -14.89 -10.15
C MSE A 105 -32.18 -15.56 -8.79
O MSE A 105 -33.23 -16.03 -8.30
CB MSE A 105 -32.17 -15.81 -11.37
CG MSE A 105 -32.81 -15.14 -12.61
SE MSE A 105 -34.63 -14.44 -12.15
CE MSE A 105 -35.56 -16.11 -11.62
N GLY A 106 -31.00 -15.67 -8.18
CA GLY A 106 -30.88 -15.99 -6.76
C GLY A 106 -29.43 -16.00 -6.28
N ALA A 107 -29.25 -16.37 -5.02
CA ALA A 107 -27.98 -16.15 -4.36
C ALA A 107 -27.72 -17.20 -3.30
N PHE A 108 -26.46 -17.61 -3.21
CA PHE A 108 -25.87 -18.19 -2.03
C PHE A 108 -25.15 -17.14 -1.21
N VAL A 109 -25.62 -16.94 0.01
CA VAL A 109 -24.87 -16.21 1.02
C VAL A 109 -24.08 -17.17 1.92
N VAL A 110 -22.77 -16.99 2.00
CA VAL A 110 -21.85 -17.97 2.58
C VAL A 110 -21.16 -17.35 3.81
N PHE A 111 -21.00 -18.17 4.83
CA PHE A 111 -20.09 -17.82 5.93
C PHE A 111 -19.29 -19.05 6.38
N ASP A 112 -18.36 -18.83 7.29
CA ASP A 112 -17.37 -19.82 7.71
C ASP A 112 -17.72 -20.22 9.14
N ILE A 113 -18.26 -21.43 9.33
CA ILE A 113 -18.68 -21.83 10.69
C ILE A 113 -17.53 -21.58 11.66
N SER A 114 -16.31 -21.81 11.23
CA SER A 114 -15.12 -21.58 12.03
C SER A 114 -14.76 -20.10 12.28
N ARG A 115 -15.65 -19.15 12.00
CA ARG A 115 -15.35 -17.75 12.31
C ARG A 115 -16.63 -17.02 12.52
N SER A 116 -16.95 -16.74 13.76
CA SER A 116 -18.25 -16.11 14.07
C SER A 116 -18.37 -14.75 13.39
N SER A 117 -17.25 -14.04 13.22
CA SER A 117 -17.31 -12.70 12.64
C SER A 117 -17.96 -12.73 11.27
N THR A 118 -17.72 -13.81 10.52
CA THR A 118 -18.19 -13.95 9.15
C THR A 118 -19.68 -14.23 9.08
N PHE A 119 -20.24 -14.69 10.20
CA PHE A 119 -21.70 -14.90 10.31
C PHE A 119 -22.46 -13.60 10.58
N GLU A 120 -21.92 -12.76 11.46
CA GLU A 120 -22.46 -11.43 11.65
C GLU A 120 -22.50 -10.66 10.35
N ALA A 121 -21.47 -10.85 9.54
CA ALA A 121 -21.42 -10.27 8.20
C ALA A 121 -22.58 -10.65 7.25
N VAL A 122 -23.25 -11.80 7.44
CA VAL A 122 -24.20 -12.23 6.40
C VAL A 122 -25.34 -11.21 6.29
N LEU A 123 -25.65 -10.53 7.38
CA LEU A 123 -26.73 -9.57 7.34
C LEU A 123 -26.33 -8.27 6.68
N LYS A 124 -25.04 -7.95 6.67
CA LYS A 124 -24.53 -6.88 5.81
C LYS A 124 -24.78 -7.22 4.36
N TRP A 125 -24.27 -8.38 3.96
CA TRP A 125 -24.40 -8.84 2.59
C TRP A 125 -25.87 -9.00 2.21
N LYS A 126 -26.69 -9.46 3.14
CA LYS A 126 -28.08 -9.63 2.85
C LYS A 126 -28.77 -8.28 2.61
N SER A 127 -28.55 -7.31 3.49
CA SER A 127 -29.00 -5.92 3.22
C SER A 127 -28.65 -5.39 1.84
N ASP A 128 -27.35 -5.38 1.56
CA ASP A 128 -26.82 -4.99 0.25
C ASP A 128 -27.58 -5.63 -0.87
N LEU A 129 -27.64 -6.97 -0.85
CA LEU A 129 -28.34 -7.73 -1.87
C LEU A 129 -29.80 -7.23 -2.07
N ASP A 130 -30.56 -7.14 -0.99
CA ASP A 130 -32.01 -6.97 -1.11
C ASP A 130 -32.35 -5.56 -1.49
N SER A 131 -31.57 -4.62 -1.00
CA SER A 131 -31.73 -3.23 -1.38
C SER A 131 -31.29 -2.90 -2.79
N LYS A 132 -30.72 -3.85 -3.53
CA LYS A 132 -30.21 -3.57 -4.87
C LYS A 132 -30.65 -4.53 -5.95
N VAL A 133 -31.33 -5.62 -5.61
CA VAL A 133 -31.92 -6.52 -6.60
C VAL A 133 -33.22 -7.07 -6.10
N HIS A 134 -34.25 -6.95 -6.92
CA HIS A 134 -35.53 -7.55 -6.63
C HIS A 134 -35.84 -8.46 -7.78
N LEU A 135 -36.82 -9.33 -7.60
CA LEU A 135 -37.34 -10.08 -8.73
C LEU A 135 -38.12 -9.12 -9.61
N PRO A 136 -38.52 -9.59 -10.80
CA PRO A 136 -39.65 -9.04 -11.52
C PRO A 136 -40.87 -8.70 -10.65
N ASN A 137 -41.21 -9.55 -9.69
CA ASN A 137 -42.41 -9.27 -8.88
C ASN A 137 -42.23 -8.01 -8.04
N GLY A 138 -40.98 -7.66 -7.74
CA GLY A 138 -40.71 -6.75 -6.63
C GLY A 138 -40.38 -7.45 -5.32
N SER A 139 -40.73 -8.72 -5.16
CA SER A 139 -40.28 -9.52 -3.99
C SER A 139 -38.75 -9.78 -4.06
N PRO A 140 -38.10 -9.86 -2.89
CA PRO A 140 -36.71 -10.28 -2.82
C PRO A 140 -36.46 -11.58 -3.53
N ILE A 141 -35.20 -11.80 -3.90
CA ILE A 141 -34.81 -12.97 -4.71
C ILE A 141 -34.51 -14.10 -3.72
N PRO A 142 -34.72 -15.37 -4.13
CA PRO A 142 -34.46 -16.49 -3.22
C PRO A 142 -32.99 -16.56 -2.77
N ALA A 143 -32.76 -16.63 -1.46
CA ALA A 143 -31.39 -16.69 -0.93
C ALA A 143 -31.18 -17.84 0.02
N VAL A 144 -30.10 -18.57 -0.20
CA VAL A 144 -29.83 -19.76 0.58
C VAL A 144 -28.55 -19.53 1.38
N LEU A 145 -28.66 -19.73 2.68
CA LEU A 145 -27.55 -19.47 3.59
C LEU A 145 -26.66 -20.69 3.70
N LEU A 146 -25.36 -20.52 3.53
CA LEU A 146 -24.43 -21.63 3.60
C LEU A 146 -23.46 -21.48 4.75
N ALA A 147 -23.50 -22.45 5.66
CA ALA A 147 -22.56 -22.57 6.74
C ALA A 147 -21.44 -23.48 6.31
N ASN A 148 -20.40 -22.88 5.77
CA ASN A 148 -19.36 -23.63 5.07
C ASN A 148 -18.23 -24.00 6.01
N LYS A 149 -17.36 -24.87 5.52
CA LYS A 149 -16.27 -25.46 6.30
C LYS A 149 -16.77 -26.33 7.45
N CYS A 150 -17.94 -26.93 7.28
CA CYS A 150 -18.56 -27.80 8.28
C CYS A 150 -17.73 -29.05 8.61
N ASP A 151 -16.70 -29.36 7.84
CA ASP A 151 -15.76 -30.38 8.24
C ASP A 151 -14.75 -29.96 9.34
N GLN A 152 -14.76 -28.72 9.82
CA GLN A 152 -13.97 -28.32 11.02
C GLN A 152 -14.84 -28.10 12.29
N ASN A 153 -14.41 -27.19 13.18
CA ASN A 153 -15.06 -26.92 14.50
C ASN A 153 -15.18 -25.42 14.77
N MSE A 158 -24.72 -22.70 17.08
CA MSE A 158 -25.96 -22.47 16.34
C MSE A 158 -26.69 -23.77 16.03
O MSE A 158 -26.30 -24.52 15.13
CB MSE A 158 -25.65 -21.70 15.04
CG MSE A 158 -25.42 -20.20 15.32
SE MSE A 158 -26.92 -19.05 14.72
CE MSE A 158 -26.90 -17.61 16.07
N SER A 159 -27.76 -24.05 16.77
CA SER A 159 -28.64 -25.21 16.52
C SER A 159 -29.46 -25.10 15.24
N PRO A 160 -29.86 -26.25 14.67
CA PRO A 160 -30.82 -26.28 13.55
C PRO A 160 -32.10 -25.47 13.71
N SER A 161 -32.64 -25.43 14.93
CA SER A 161 -33.88 -24.69 15.20
C SER A 161 -33.65 -23.18 15.17
N GLN A 162 -32.45 -22.76 15.54
CA GLN A 162 -32.04 -21.36 15.47
C GLN A 162 -31.81 -20.89 14.05
N MSE A 163 -31.18 -21.73 13.25
CA MSE A 163 -30.93 -21.41 11.85
C MSE A 163 -32.25 -21.17 11.19
O MSE A 163 -32.40 -20.19 10.48
CB MSE A 163 -30.22 -22.54 11.09
CG MSE A 163 -28.76 -22.74 11.46
SE MSE A 163 -27.59 -21.16 11.20
CE MSE A 163 -26.58 -21.86 9.67
N ASP A 164 -33.20 -22.03 11.45
CA ASP A 164 -34.54 -21.89 10.89
C ASP A 164 -35.17 -20.58 11.30
N GLN A 165 -35.09 -20.23 12.58
CA GLN A 165 -35.59 -18.94 13.07
C GLN A 165 -34.86 -17.79 12.39
N PHE A 166 -33.54 -17.91 12.30
CA PHE A 166 -32.72 -16.93 11.60
C PHE A 166 -33.15 -16.74 10.17
N CYS A 167 -33.24 -17.83 9.43
CA CYS A 167 -33.66 -17.77 8.04
C CYS A 167 -35.04 -17.17 7.90
N LYS A 168 -35.95 -17.64 8.75
CA LYS A 168 -37.34 -17.18 8.75
C LYS A 168 -37.39 -15.69 9.05
N GLU A 169 -36.54 -15.20 9.93
CA GLU A 169 -36.56 -13.77 10.25
C GLU A 169 -35.96 -12.85 9.17
N HIS A 170 -34.96 -13.31 8.43
CA HIS A 170 -34.16 -12.44 7.56
C HIS A 170 -34.24 -12.82 6.09
N GLY A 171 -35.21 -13.65 5.75
CA GLY A 171 -35.59 -13.83 4.37
C GLY A 171 -34.61 -14.69 3.62
N PHE A 172 -34.05 -15.68 4.28
CA PHE A 172 -33.40 -16.75 3.56
C PHE A 172 -34.42 -17.87 3.33
N ALA A 173 -34.52 -18.31 2.08
CA ALA A 173 -35.21 -19.55 1.70
C ALA A 173 -34.84 -20.77 2.51
N GLY A 174 -33.60 -20.84 2.97
CA GLY A 174 -33.10 -22.10 3.53
C GLY A 174 -31.62 -22.07 3.83
N TRP A 175 -31.14 -23.11 4.50
CA TRP A 175 -29.76 -23.11 4.92
C TRP A 175 -29.18 -24.50 4.83
N PHE A 176 -27.86 -24.57 4.86
CA PHE A 176 -27.14 -25.82 4.64
C PHE A 176 -25.78 -25.74 5.31
N GLU A 177 -25.38 -26.78 6.03
CA GLU A 177 -23.98 -26.96 6.41
C GLU A 177 -23.21 -27.64 5.30
N THR A 178 -22.16 -27.00 4.82
CA THR A 178 -21.49 -27.44 3.60
C THR A 178 -20.01 -27.57 3.85
N SER A 179 -19.39 -28.44 3.07
CA SER A 179 -17.95 -28.44 3.00
C SER A 179 -17.56 -28.68 1.58
N ALA A 180 -16.88 -27.72 1.00
CA ALA A 180 -16.15 -27.94 -0.25
C ALA A 180 -14.99 -28.89 -0.10
N LYS A 181 -14.33 -28.90 1.04
CA LYS A 181 -13.24 -29.86 1.25
C LYS A 181 -13.68 -31.28 0.99
N ASP A 182 -14.80 -31.67 1.61
CA ASP A 182 -15.23 -33.06 1.64
C ASP A 182 -16.49 -33.31 0.82
N ASN A 183 -16.92 -32.30 0.08
CA ASN A 183 -18.16 -32.36 -0.70
C ASN A 183 -19.37 -32.69 0.12
N ILE A 184 -19.59 -32.00 1.22
CA ILE A 184 -20.84 -32.13 1.90
C ILE A 184 -21.79 -31.05 1.40
N ASN A 185 -22.96 -31.49 0.93
CA ASN A 185 -24.16 -30.66 0.90
C ASN A 185 -24.21 -29.56 -0.16
N ILE A 186 -23.24 -29.56 -1.06
CA ILE A 186 -23.16 -28.48 -2.03
C ILE A 186 -24.18 -28.77 -3.15
N GLU A 187 -24.20 -30.03 -3.62
CA GLU A 187 -25.22 -30.51 -4.57
C GLU A 187 -26.65 -30.19 -4.12
N GLU A 188 -26.91 -30.43 -2.84
CA GLU A 188 -28.26 -30.44 -2.32
C GLU A 188 -28.74 -29.00 -2.22
N ALA A 189 -27.80 -28.13 -1.87
CA ALA A 189 -28.02 -26.68 -1.80
C ALA A 189 -28.28 -26.13 -3.17
N ALA A 190 -27.46 -26.50 -4.14
CA ALA A 190 -27.74 -26.10 -5.52
C ALA A 190 -29.18 -26.45 -5.96
N ARG A 191 -29.58 -27.69 -5.74
CA ARG A 191 -30.90 -28.17 -6.16
C ARG A 191 -32.02 -27.43 -5.47
N PHE A 192 -31.88 -27.27 -4.16
CA PHE A 192 -32.85 -26.52 -3.39
C PHE A 192 -33.10 -25.12 -3.97
N LEU A 193 -32.03 -24.46 -4.39
CA LEU A 193 -32.13 -23.13 -4.98
C LEU A 193 -32.67 -23.15 -6.40
N VAL A 194 -32.19 -24.05 -7.23
CA VAL A 194 -32.79 -24.22 -8.55
C VAL A 194 -34.30 -24.44 -8.47
N GLU A 195 -34.73 -25.29 -7.56
CA GLU A 195 -36.15 -25.51 -7.35
C GLU A 195 -36.87 -24.18 -7.06
N LYS A 196 -36.38 -23.40 -6.11
CA LYS A 196 -36.98 -22.10 -5.81
C LYS A 196 -37.11 -21.19 -7.03
N MSE A 197 -36.14 -21.23 -7.91
CA MSE A 197 -36.03 -20.26 -8.99
C MSE A 197 -36.89 -20.67 -10.15
O MSE A 197 -37.36 -19.82 -10.90
CB MSE A 197 -34.58 -20.10 -9.51
CG MSE A 197 -33.65 -19.35 -8.55
SE MSE A 197 -31.84 -19.50 -9.40
CE MSE A 197 -30.83 -18.43 -8.18
N LEU A 198 -37.07 -21.98 -10.31
CA LEU A 198 -38.02 -22.53 -11.29
C LEU A 198 -39.48 -22.22 -10.97
N VAL A 199 -39.80 -22.19 -9.69
CA VAL A 199 -41.08 -21.70 -9.23
C VAL A 199 -41.25 -20.25 -9.66
N ASN A 200 -40.22 -19.44 -9.44
CA ASN A 200 -40.27 -18.00 -9.76
C ASN A 200 -40.37 -17.71 -11.25
N HIS A 201 -39.91 -18.62 -12.11
CA HIS A 201 -40.09 -18.48 -13.55
C HIS A 201 -41.53 -18.63 -13.98
N GLN A 202 -42.43 -19.03 -13.07
CA GLN A 202 -43.89 -18.76 -13.26
C GLN A 202 -44.27 -17.29 -13.07
N THR B 26 26.56 27.76 -8.81
CA THR B 26 25.10 27.94 -9.02
C THR B 26 24.34 27.16 -7.96
N ARG B 27 23.57 27.88 -7.14
CA ARG B 27 22.42 27.27 -6.50
C ARG B 27 21.43 26.80 -7.55
N GLU B 28 20.77 25.67 -7.26
CA GLU B 28 19.74 25.08 -8.11
C GLU B 28 18.40 25.10 -7.38
N HIS B 29 17.37 25.63 -8.02
CA HIS B 29 16.00 25.45 -7.54
C HIS B 29 15.20 24.44 -8.35
N LEU B 30 14.20 23.85 -7.71
CA LEU B 30 13.28 22.99 -8.41
C LEU B 30 11.84 23.29 -8.02
N PHE B 31 11.05 23.73 -9.00
CA PHE B 31 9.67 24.16 -8.77
C PHE B 31 8.66 23.27 -9.49
N LYS B 32 7.75 22.68 -8.70
CA LYS B 32 6.53 22.03 -9.23
C LYS B 32 5.55 23.09 -9.66
N VAL B 33 5.29 23.14 -10.96
CA VAL B 33 4.32 24.07 -11.53
C VAL B 33 3.15 23.32 -12.15
N LEU B 34 1.95 23.64 -11.66
CA LEU B 34 0.71 23.09 -12.20
C LEU B 34 0.32 23.86 -13.44
N VAL B 35 -0.17 23.16 -14.46
CA VAL B 35 -0.89 23.79 -15.56
C VAL B 35 -2.32 23.22 -15.63
N ILE B 36 -3.31 24.07 -15.42
CA ILE B 36 -4.69 23.61 -15.32
C ILE B 36 -5.65 24.46 -16.14
N GLY B 37 -6.85 23.97 -16.34
CA GLY B 37 -7.86 24.67 -17.13
C GLY B 37 -8.66 23.69 -17.96
N GLU B 38 -9.69 24.20 -18.63
CA GLU B 38 -10.67 23.36 -19.30
C GLU B 38 -10.09 22.58 -20.49
N LEU B 39 -10.88 21.68 -21.07
CA LEU B 39 -10.38 20.87 -22.20
C LEU B 39 -10.19 21.71 -23.46
N GLY B 40 -9.43 21.16 -24.39
CA GLY B 40 -8.90 21.91 -25.54
C GLY B 40 -8.36 23.32 -25.38
N VAL B 41 -8.03 23.73 -24.18
CA VAL B 41 -7.75 25.14 -23.92
C VAL B 41 -6.30 25.56 -24.31
N GLY B 42 -5.41 24.58 -24.44
CA GLY B 42 -4.07 24.79 -24.96
C GLY B 42 -2.94 24.40 -24.04
N LYS B 43 -3.27 23.77 -22.91
CA LYS B 43 -2.29 23.53 -21.84
C LYS B 43 -1.07 22.74 -22.32
N THR B 44 -1.35 21.63 -22.98
CA THR B 44 -0.30 20.77 -23.46
C THR B 44 0.59 21.49 -24.46
N SER B 45 -0.01 22.35 -25.29
CA SER B 45 0.71 22.95 -26.42
C SER B 45 1.57 24.10 -25.95
N ILE B 46 1.10 24.77 -24.89
CA ILE B 46 1.87 25.81 -24.21
C ILE B 46 3.13 25.18 -23.68
N ILE B 47 2.98 24.06 -22.96
CA ILE B 47 4.12 23.34 -22.41
C ILE B 47 5.08 22.83 -23.50
N LYS B 48 4.52 22.19 -24.51
CA LYS B 48 5.30 21.66 -25.62
C LYS B 48 6.05 22.74 -26.37
N ARG B 49 5.45 23.90 -26.50
CA ARG B 49 6.16 25.03 -27.12
C ARG B 49 7.33 25.47 -26.24
N TYR B 50 7.02 25.78 -24.99
CA TYR B 50 7.99 26.29 -24.04
C TYR B 50 9.19 25.36 -23.94
N VAL B 51 8.94 24.07 -23.91
CA VAL B 51 9.98 23.09 -23.65
C VAL B 51 10.67 22.60 -24.92
N HIS B 52 9.93 22.32 -26.00
CA HIS B 52 10.57 21.81 -27.22
C HIS B 52 10.43 22.69 -28.48
N GLN B 53 10.03 23.96 -28.33
CA GLN B 53 9.49 24.75 -29.46
C GLN B 53 8.92 23.85 -30.55
N LEU B 54 7.77 23.26 -30.26
CA LEU B 54 6.92 22.67 -31.27
C LEU B 54 5.45 23.04 -31.08
N PHE B 55 4.73 23.04 -32.19
CA PHE B 55 3.32 23.21 -32.16
C PHE B 55 2.69 22.24 -33.14
N SER B 56 1.65 21.55 -32.71
CA SER B 56 0.74 20.89 -33.62
C SER B 56 -0.64 21.52 -33.56
N GLN B 57 -1.34 21.53 -34.69
CA GLN B 57 -2.77 21.84 -34.73
C GLN B 57 -3.60 20.66 -34.27
N HIS B 58 -2.99 19.48 -34.20
CA HIS B 58 -3.72 18.24 -34.06
C HIS B 58 -3.98 17.93 -32.59
N TYR B 59 -5.25 17.91 -32.18
CA TYR B 59 -5.60 17.81 -30.76
C TYR B 59 -5.61 16.37 -30.24
N ARG B 60 -4.63 16.05 -29.41
CA ARG B 60 -4.65 14.78 -28.72
C ARG B 60 -5.00 15.09 -27.29
N ALA B 61 -6.16 14.61 -26.84
CA ALA B 61 -6.59 14.79 -25.45
C ALA B 61 -5.56 14.11 -24.54
N THR B 62 -5.11 14.87 -23.55
CA THR B 62 -4.28 14.36 -22.47
C THR B 62 -5.03 13.41 -21.56
N ILE B 63 -4.34 12.35 -21.16
CA ILE B 63 -4.98 11.28 -20.40
C ILE B 63 -4.42 11.28 -18.99
N GLY B 64 -5.24 11.73 -18.04
CA GLY B 64 -4.79 11.97 -16.67
C GLY B 64 -3.85 13.15 -16.53
N VAL B 65 -2.57 12.86 -16.32
CA VAL B 65 -1.57 13.88 -16.10
C VAL B 65 -0.36 13.59 -16.93
N ASP B 66 0.12 14.60 -17.65
CA ASP B 66 1.40 14.53 -18.33
C ASP B 66 2.40 15.44 -17.64
N PHE B 67 3.67 15.28 -18.01
CA PHE B 67 4.75 15.90 -17.28
C PHE B 67 5.73 16.41 -18.28
N ALA B 68 6.38 17.52 -17.93
CA ALA B 68 7.56 17.94 -18.64
C ALA B 68 8.50 18.75 -17.78
N LEU B 69 9.76 18.77 -18.21
CA LEU B 69 10.84 19.36 -17.46
C LEU B 69 11.44 20.51 -18.25
N LYS B 70 11.43 21.71 -17.67
CA LYS B 70 12.13 22.86 -18.23
C LYS B 70 13.28 23.28 -17.34
N VAL B 71 14.45 23.39 -17.95
CA VAL B 71 15.66 23.87 -17.29
C VAL B 71 15.97 25.26 -17.81
N LEU B 72 16.34 26.16 -16.92
CA LEU B 72 16.76 27.46 -17.41
C LEU B 72 17.72 28.16 -16.51
N ASN B 73 18.48 29.04 -17.16
CA ASN B 73 19.61 29.70 -16.58
C ASN B 73 19.20 31.09 -16.15
N TRP B 74 18.70 31.19 -14.94
CA TRP B 74 18.14 32.42 -14.47
C TRP B 74 19.21 33.52 -14.46
N ASP B 75 20.44 33.16 -14.13
CA ASP B 75 21.53 34.12 -14.26
C ASP B 75 22.88 33.41 -14.23
N SER B 76 23.92 34.19 -14.00
CA SER B 76 25.23 33.67 -13.58
C SER B 76 25.10 32.69 -12.38
N ARG B 77 24.63 33.22 -11.26
CA ARG B 77 24.66 32.50 -10.00
C ARG B 77 23.55 31.40 -9.78
N THR B 78 22.55 31.30 -10.67
CA THR B 78 21.28 30.58 -10.34
C THR B 78 20.84 29.74 -11.54
N LEU B 79 20.57 28.47 -11.27
CA LEU B 79 19.80 27.59 -12.17
C LEU B 79 18.41 27.24 -11.58
N VAL B 80 17.36 27.33 -12.41
CA VAL B 80 16.06 26.74 -12.04
C VAL B 80 15.55 25.69 -13.02
N ARG B 81 14.75 24.80 -12.45
CA ARG B 81 14.33 23.57 -13.03
C ARG B 81 12.85 23.55 -12.75
N LEU B 82 12.04 23.42 -13.80
CA LEU B 82 10.58 23.44 -13.65
C LEU B 82 10.01 22.06 -13.97
N GLN B 83 9.34 21.48 -12.98
CA GLN B 83 8.46 20.34 -13.19
C GLN B 83 7.08 20.82 -13.59
N LEU B 84 6.71 20.57 -14.84
CA LEU B 84 5.47 21.07 -15.37
C LEU B 84 4.44 19.95 -15.36
N TRP B 85 3.43 20.14 -14.54
CA TRP B 85 2.36 19.16 -14.36
C TRP B 85 1.14 19.50 -15.23
N ASP B 86 1.01 18.76 -16.32
CA ASP B 86 -0.02 18.99 -17.32
C ASP B 86 -1.26 18.17 -16.96
N ILE B 87 -2.32 18.87 -16.60
CA ILE B 87 -3.46 18.26 -15.95
C ILE B 87 -4.66 18.39 -16.86
N ALA B 88 -4.93 17.29 -17.54
CA ALA B 88 -6.17 17.10 -18.32
C ALA B 88 -7.34 17.89 -17.76
N GLY B 89 -8.06 18.56 -18.64
CA GLY B 89 -9.14 19.40 -18.19
C GLY B 89 -10.32 18.61 -17.65
N LEU B 90 -10.36 17.34 -18.01
CA LEU B 90 -11.36 16.44 -17.50
C LEU B 90 -11.16 16.17 -16.02
N GLU B 91 -9.91 16.20 -15.57
CA GLU B 91 -9.55 15.64 -14.25
C GLU B 91 -10.19 16.43 -13.12
N ARG B 92 -10.78 17.57 -13.42
CA ARG B 92 -11.45 18.35 -12.40
C ARG B 92 -12.81 17.78 -12.03
N PHE B 93 -13.29 16.81 -12.77
CA PHE B 93 -14.53 16.13 -12.39
C PHE B 93 -14.28 14.78 -11.71
N GLY B 94 -13.06 14.53 -11.26
CA GLY B 94 -12.62 13.19 -10.87
C GLY B 94 -11.90 12.96 -9.54
N ASN B 95 -11.85 13.95 -8.67
CA ASN B 95 -11.37 13.75 -7.29
C ASN B 95 -9.95 13.20 -7.12
N MSE B 96 -9.13 13.40 -8.12
CA MSE B 96 -7.72 13.06 -8.04
C MSE B 96 -6.88 14.31 -7.93
O MSE B 96 -5.67 14.25 -8.08
CB MSE B 96 -7.27 12.33 -9.31
CG MSE B 96 -7.44 10.80 -9.32
SE MSE B 96 -6.46 9.86 -7.89
CE MSE B 96 -4.67 9.95 -8.67
N THR B 97 -7.50 15.47 -7.70
CA THR B 97 -6.78 16.74 -7.89
C THR B 97 -5.97 17.09 -6.66
N ARG B 98 -6.54 16.82 -5.49
CA ARG B 98 -5.78 16.81 -4.23
C ARG B 98 -4.42 16.10 -4.30
N VAL B 99 -4.37 15.02 -5.05
CA VAL B 99 -3.12 14.31 -5.26
C VAL B 99 -2.13 15.05 -6.17
N TYR B 100 -2.63 15.61 -7.27
CA TYR B 100 -1.75 16.23 -8.28
C TYR B 100 -1.17 17.55 -7.81
N TYR B 101 -2.01 18.25 -7.08
CA TYR B 101 -1.72 19.60 -6.69
C TYR B 101 -0.70 19.60 -5.56
N LYS B 102 -0.65 18.55 -4.75
CA LYS B 102 0.01 18.64 -3.44
C LYS B 102 1.42 19.26 -3.55
N GLU B 103 1.69 20.25 -2.69
CA GLU B 103 3.02 20.87 -2.56
C GLU B 103 3.48 21.45 -3.90
N ALA B 104 2.53 22.07 -4.59
CA ALA B 104 2.82 22.80 -5.80
C ALA B 104 3.31 24.16 -5.40
N MSE B 105 4.26 24.66 -6.17
CA MSE B 105 4.93 25.91 -5.88
C MSE B 105 4.34 27.09 -6.66
O MSE B 105 4.48 28.25 -6.27
CB MSE B 105 6.44 25.64 -6.12
CG MSE B 105 7.14 24.98 -4.92
SE MSE B 105 6.80 26.03 -3.24
CE MSE B 105 7.60 27.79 -3.74
N GLY B 106 3.68 26.78 -7.76
CA GLY B 106 2.72 27.68 -8.40
C GLY B 106 2.01 27.05 -9.60
N ALA B 107 1.20 27.87 -10.28
CA ALA B 107 0.26 27.35 -11.26
C ALA B 107 0.02 28.33 -12.36
N PHE B 108 -0.09 27.80 -13.58
CA PHE B 108 -0.78 28.43 -14.69
C PHE B 108 -2.21 27.93 -14.79
N VAL B 109 -3.17 28.83 -14.60
CA VAL B 109 -4.54 28.59 -14.99
C VAL B 109 -4.82 29.14 -16.39
N VAL B 110 -5.30 28.28 -17.28
CA VAL B 110 -5.36 28.55 -18.73
C VAL B 110 -6.81 28.54 -19.21
N PHE B 111 -7.15 29.47 -20.07
CA PHE B 111 -8.41 29.40 -20.80
C PHE B 111 -8.18 29.82 -22.25
N ASP B 112 -9.23 29.66 -23.06
CA ASP B 112 -9.16 29.77 -24.53
C ASP B 112 -9.90 31.02 -24.86
N ILE B 113 -9.17 32.06 -25.22
CA ILE B 113 -9.71 33.37 -25.53
C ILE B 113 -10.90 33.20 -26.48
N SER B 114 -10.79 32.28 -27.43
CA SER B 114 -11.86 31.88 -28.37
C SER B 114 -13.02 31.03 -27.83
N ARG B 115 -13.18 30.93 -26.52
CA ARG B 115 -14.33 30.23 -25.97
C ARG B 115 -14.63 30.82 -24.61
N SER B 116 -15.67 31.63 -24.53
CA SER B 116 -16.01 32.23 -23.25
C SER B 116 -16.34 31.17 -22.19
N SER B 117 -16.91 30.04 -22.57
CA SER B 117 -17.23 29.04 -21.55
C SER B 117 -16.01 28.64 -20.71
N THR B 118 -14.84 28.63 -21.34
CA THR B 118 -13.61 28.15 -20.71
C THR B 118 -13.06 29.15 -19.73
N PHE B 119 -13.51 30.40 -19.86
CA PHE B 119 -13.15 31.45 -18.92
C PHE B 119 -13.96 31.37 -17.63
N GLU B 120 -15.26 31.12 -17.77
CA GLU B 120 -16.11 30.90 -16.61
C GLU B 120 -15.55 29.79 -15.76
N ALA B 121 -15.06 28.77 -16.43
CA ALA B 121 -14.40 27.67 -15.76
C ALA B 121 -13.20 28.04 -14.89
N VAL B 122 -12.49 29.16 -15.12
CA VAL B 122 -11.20 29.34 -14.41
C VAL B 122 -11.43 29.50 -12.90
N LEU B 123 -12.61 30.00 -12.52
CA LEU B 123 -12.92 30.11 -11.10
C LEU B 123 -13.28 28.78 -10.45
N LYS B 124 -13.78 27.83 -11.23
CA LYS B 124 -13.90 26.46 -10.74
C LYS B 124 -12.53 25.94 -10.41
N TRP B 125 -11.65 25.94 -11.40
CA TRP B 125 -10.29 25.45 -11.22
C TRP B 125 -9.58 26.22 -10.12
N LYS B 126 -9.81 27.52 -10.03
CA LYS B 126 -9.15 28.32 -9.00
C LYS B 126 -9.62 27.92 -7.60
N SER B 127 -10.92 27.79 -7.39
CA SER B 127 -11.45 27.23 -6.14
C SER B 127 -10.81 25.91 -5.71
N ASP B 128 -10.89 24.92 -6.59
CA ASP B 128 -10.25 23.64 -6.43
C ASP B 128 -8.83 23.81 -5.96
N LEU B 129 -8.04 24.55 -6.75
CA LEU B 129 -6.62 24.75 -6.43
C LEU B 129 -6.43 25.27 -5.02
N ASP B 130 -7.11 26.35 -4.67
CA ASP B 130 -6.80 27.08 -3.45
C ASP B 130 -7.29 26.35 -2.21
N SER B 131 -8.42 25.67 -2.34
CA SER B 131 -8.94 24.85 -1.27
C SER B 131 -8.13 23.59 -1.01
N LYS B 132 -7.12 23.32 -1.80
CA LYS B 132 -6.40 22.06 -1.69
C LYS B 132 -4.88 22.19 -1.67
N VAL B 133 -4.32 23.36 -1.93
CA VAL B 133 -2.88 23.58 -1.82
C VAL B 133 -2.62 24.96 -1.32
N HIS B 134 -1.81 25.05 -0.27
CA HIS B 134 -1.35 26.33 0.27
C HIS B 134 0.14 26.31 0.16
N LEU B 135 0.76 27.47 0.32
CA LEU B 135 2.19 27.51 0.55
C LEU B 135 2.47 26.95 1.95
N PRO B 136 3.74 26.65 2.24
CA PRO B 136 4.21 26.62 3.63
C PRO B 136 3.66 27.75 4.55
N ASN B 137 3.54 28.98 4.06
CA ASN B 137 3.03 30.07 4.93
C ASN B 137 1.59 29.86 5.34
N GLY B 138 0.84 29.10 4.55
CA GLY B 138 -0.61 29.12 4.64
C GLY B 138 -1.28 30.04 3.63
N SER B 139 -0.54 30.99 3.07
CA SER B 139 -1.07 31.80 1.95
C SER B 139 -1.22 30.95 0.68
N PRO B 140 -2.24 31.25 -0.16
CA PRO B 140 -2.36 30.71 -1.51
C PRO B 140 -1.11 30.84 -2.35
N ILE B 141 -1.00 29.95 -3.33
CA ILE B 141 0.23 29.81 -4.11
C ILE B 141 0.07 30.78 -5.28
N PRO B 142 1.18 31.28 -5.83
CA PRO B 142 1.11 32.22 -6.93
C PRO B 142 0.45 31.61 -8.15
N ALA B 143 -0.57 32.26 -8.68
CA ALA B 143 -1.27 31.75 -9.89
C ALA B 143 -1.32 32.80 -11.00
N VAL B 144 -0.93 32.38 -12.20
CA VAL B 144 -0.91 33.26 -13.33
C VAL B 144 -1.94 32.81 -14.34
N LEU B 145 -2.80 33.73 -14.73
CA LEU B 145 -3.92 33.43 -15.61
C LEU B 145 -3.47 33.56 -17.04
N LEU B 146 -3.74 32.56 -17.86
CA LEU B 146 -3.34 32.64 -19.26
C LEU B 146 -4.53 32.64 -20.19
N ALA B 147 -4.64 33.69 -20.98
CA ALA B 147 -5.61 33.80 -22.05
C ALA B 147 -4.95 33.32 -23.34
N ASN B 148 -5.12 32.04 -23.62
CA ASN B 148 -4.38 31.39 -24.69
C ASN B 148 -5.11 31.46 -26.01
N LYS B 149 -4.41 31.08 -27.08
CA LYS B 149 -4.91 31.17 -28.45
C LYS B 149 -5.17 32.58 -28.91
N CYS B 150 -4.41 33.52 -28.34
CA CYS B 150 -4.55 34.95 -28.65
C CYS B 150 -4.26 35.29 -30.10
N ASP B 151 -3.71 34.36 -30.86
CA ASP B 151 -3.59 34.53 -32.30
C ASP B 151 -4.89 34.35 -33.11
N GLN B 152 -5.99 34.01 -32.46
CA GLN B 152 -7.32 34.10 -33.09
C GLN B 152 -8.14 35.33 -32.58
N ASN B 153 -9.47 35.25 -32.49
CA ASN B 153 -10.33 36.44 -32.22
C ASN B 153 -11.08 36.50 -30.91
N LYS B 154 -11.27 37.69 -30.36
CA LYS B 154 -11.43 37.86 -28.91
C LYS B 154 -12.89 37.72 -28.47
N ASP B 155 -13.16 36.73 -27.59
CA ASP B 155 -14.53 36.25 -27.22
C ASP B 155 -14.99 36.72 -25.83
N SER B 156 -14.28 36.33 -24.75
CA SER B 156 -14.54 36.91 -23.43
C SER B 156 -14.59 38.47 -23.55
N SER B 157 -15.58 39.03 -22.89
CA SER B 157 -15.94 40.43 -23.08
C SER B 157 -15.23 41.23 -21.98
N MSE B 158 -13.91 41.30 -22.11
CA MSE B 158 -13.01 41.52 -20.96
C MSE B 158 -11.82 42.34 -21.43
O MSE B 158 -10.90 41.82 -22.07
CB MSE B 158 -12.57 40.22 -20.30
CG MSE B 158 -13.67 39.64 -19.40
SE MSE B 158 -13.37 40.03 -17.49
CE MSE B 158 -15.22 40.09 -16.77
N SER B 159 -11.87 43.65 -21.16
CA SER B 159 -10.74 44.58 -21.35
C SER B 159 -9.56 44.31 -20.44
N PRO B 160 -8.35 44.69 -20.85
CA PRO B 160 -7.18 44.64 -19.97
C PRO B 160 -7.37 45.21 -18.55
N SER B 161 -8.16 46.28 -18.41
CA SER B 161 -8.38 46.88 -17.09
C SER B 161 -9.31 46.00 -16.25
N GLN B 162 -10.17 45.26 -16.91
CA GLN B 162 -11.03 44.28 -16.25
C GLN B 162 -10.31 43.01 -15.84
N MSE B 163 -9.39 42.53 -16.66
CA MSE B 163 -8.55 41.38 -16.30
C MSE B 163 -7.86 41.70 -15.02
O MSE B 163 -7.80 40.88 -14.11
CB MSE B 163 -7.49 41.01 -17.35
CG MSE B 163 -8.06 40.36 -18.61
SE MSE B 163 -9.13 38.68 -18.22
CE MSE B 163 -8.94 38.12 -20.09
N ASP B 164 -7.30 42.91 -14.93
CA ASP B 164 -6.60 43.33 -13.71
C ASP B 164 -7.52 43.33 -12.49
N GLN B 165 -8.73 43.85 -12.66
CA GLN B 165 -9.74 43.80 -11.60
C GLN B 165 -10.07 42.35 -11.26
N PHE B 166 -10.25 41.53 -12.28
CA PHE B 166 -10.52 40.09 -12.11
C PHE B 166 -9.41 39.42 -11.33
N CYS B 167 -8.17 39.58 -11.77
CA CYS B 167 -7.03 38.99 -11.08
C CYS B 167 -6.98 39.46 -9.65
N LYS B 168 -7.17 40.76 -9.48
CA LYS B 168 -7.11 41.37 -8.16
C LYS B 168 -8.19 40.81 -7.27
N GLU B 169 -9.36 40.56 -7.80
CA GLU B 169 -10.44 40.04 -6.97
C GLU B 169 -10.29 38.56 -6.57
N HIS B 170 -9.68 37.74 -7.42
CA HIS B 170 -9.70 36.29 -7.26
C HIS B 170 -8.32 35.69 -7.05
N GLY B 171 -7.35 36.52 -6.74
CA GLY B 171 -6.08 36.04 -6.26
C GLY B 171 -5.22 35.45 -7.35
N PHE B 172 -5.28 35.98 -8.54
CA PHE B 172 -4.23 35.70 -9.51
C PHE B 172 -3.15 36.75 -9.36
N ALA B 173 -1.91 36.29 -9.27
CA ALA B 173 -0.71 37.14 -9.46
C ALA B 173 -0.70 38.03 -10.70
N GLY B 174 -1.29 37.57 -11.79
CA GLY B 174 -1.10 38.26 -13.06
C GLY B 174 -1.72 37.51 -14.22
N TRP B 175 -1.75 38.14 -15.37
CA TRP B 175 -2.37 37.52 -16.54
C TRP B 175 -1.60 37.85 -17.80
N PHE B 176 -1.87 37.09 -18.85
CA PHE B 176 -1.09 37.16 -20.08
C PHE B 176 -1.92 36.65 -21.23
N GLU B 177 -1.94 37.37 -22.34
CA GLU B 177 -2.40 36.79 -23.59
C GLU B 177 -1.29 36.02 -24.27
N THR B 178 -1.55 34.75 -24.55
CA THR B 178 -0.51 33.84 -25.04
C THR B 178 -0.94 33.12 -26.30
N SER B 179 0.03 32.76 -27.11
CA SER B 179 -0.22 31.82 -28.17
C SER B 179 0.93 30.85 -28.25
N ALA B 180 0.63 29.58 -28.01
CA ALA B 180 1.55 28.51 -28.35
C ALA B 180 1.76 28.39 -29.85
N LYS B 181 0.73 28.66 -30.63
CA LYS B 181 0.88 28.57 -32.09
C LYS B 181 2.08 29.42 -32.56
N ASP B 182 2.11 30.67 -32.13
CA ASP B 182 3.02 31.69 -32.67
C ASP B 182 4.06 32.14 -31.65
N ASN B 183 4.12 31.46 -30.52
CA ASN B 183 5.03 31.81 -29.45
C ASN B 183 4.87 33.20 -28.95
N ILE B 184 3.66 33.61 -28.64
CA ILE B 184 3.47 34.85 -27.95
C ILE B 184 3.44 34.60 -26.45
N ASN B 185 4.33 35.28 -25.72
CA ASN B 185 4.12 35.59 -24.30
C ASN B 185 4.30 34.44 -23.32
N ILE B 186 4.77 33.30 -23.82
CA ILE B 186 4.83 32.13 -23.00
C ILE B 186 6.07 32.27 -22.14
N GLU B 187 7.16 32.67 -22.77
CA GLU B 187 8.41 33.02 -22.05
C GLU B 187 8.20 33.99 -20.89
N GLU B 188 7.43 35.04 -21.17
CA GLU B 188 7.32 36.18 -20.29
C GLU B 188 6.48 35.78 -19.08
N ALA B 189 5.48 34.95 -19.34
CA ALA B 189 4.63 34.37 -18.30
C ALA B 189 5.42 33.44 -17.43
N ALA B 190 6.23 32.57 -18.04
CA ALA B 190 7.10 31.67 -17.25
C ALA B 190 7.99 32.46 -16.29
N ARG B 191 8.64 33.51 -16.79
CA ARG B 191 9.54 34.34 -15.98
C ARG B 191 8.81 35.02 -14.86
N PHE B 192 7.67 35.64 -15.20
CA PHE B 192 6.83 36.31 -14.21
C PHE B 192 6.48 35.40 -13.03
N LEU B 193 6.17 34.14 -13.33
CA LEU B 193 5.88 33.14 -12.31
C LEU B 193 7.11 32.65 -11.56
N VAL B 194 8.18 32.32 -12.27
CA VAL B 194 9.45 31.99 -11.60
C VAL B 194 9.88 33.10 -10.64
N GLU B 195 9.79 34.35 -11.08
CA GLU B 195 10.10 35.49 -10.22
C GLU B 195 9.25 35.43 -8.94
N LYS B 196 7.94 35.27 -9.06
CA LYS B 196 7.08 35.16 -7.88
C LYS B 196 7.51 34.04 -6.90
N MSE B 197 7.97 32.92 -7.43
CA MSE B 197 8.19 31.73 -6.63
C MSE B 197 9.54 31.78 -5.96
O MSE B 197 9.70 31.20 -4.89
CB MSE B 197 8.13 30.45 -7.48
CG MSE B 197 6.70 30.08 -7.93
SE MSE B 197 6.54 28.46 -9.03
CE MSE B 197 7.87 28.73 -10.47
N LEU B 198 10.51 32.43 -6.60
CA LEU B 198 11.80 32.72 -5.99
C LEU B 198 11.71 33.69 -4.80
N VAL B 199 10.81 34.65 -4.89
CA VAL B 199 10.46 35.49 -3.76
C VAL B 199 9.93 34.63 -2.61
N ASN B 200 9.02 33.72 -2.92
CA ASN B 200 8.42 32.83 -1.91
C ASN B 200 9.42 31.87 -1.27
N HIS B 201 10.51 31.52 -1.97
CA HIS B 201 11.58 30.69 -1.37
C HIS B 201 12.40 31.43 -0.30
N GLN B 202 12.24 32.76 -0.22
CA GLN B 202 12.76 33.60 0.87
C GLN B 202 11.59 33.97 1.79
N SER B 203 10.95 32.94 2.32
CA SER B 203 9.86 33.08 3.28
C SER B 203 9.65 31.77 4.07
N PHE B 204 10.74 31.01 4.24
CA PHE B 204 10.71 29.60 4.64
C PHE B 204 11.96 28.92 4.09
N ARG C 27 5.47 20.63 34.61
CA ARG C 27 6.49 19.99 33.71
C ARG C 27 6.95 18.59 34.15
N GLU C 28 7.01 17.69 33.16
CA GLU C 28 7.47 16.31 33.34
C GLU C 28 8.72 16.06 32.52
N HIS C 29 9.77 15.53 33.14
CA HIS C 29 10.93 15.04 32.40
C HIS C 29 10.99 13.54 32.32
N LEU C 30 11.64 13.06 31.27
CA LEU C 30 11.90 11.63 31.14
C LEU C 30 13.33 11.38 30.72
N PHE C 31 14.08 10.73 31.59
CA PHE C 31 15.49 10.52 31.39
C PHE C 31 15.82 9.03 31.22
N LYS C 32 16.41 8.69 30.07
CA LYS C 32 17.07 7.40 29.89
C LYS C 32 18.38 7.39 30.63
N VAL C 33 18.47 6.54 31.64
CA VAL C 33 19.71 6.36 32.41
C VAL C 33 20.29 4.95 32.22
N LEU C 34 21.54 4.89 31.76
CA LEU C 34 22.25 3.64 31.59
C LEU C 34 22.83 3.20 32.92
N VAL C 35 22.76 1.90 33.21
CA VAL C 35 23.55 1.31 34.29
C VAL C 35 24.46 0.23 33.75
N ILE C 36 25.77 0.44 33.86
CA ILE C 36 26.73 -0.43 33.18
C ILE C 36 27.89 -0.78 34.09
N GLY C 37 28.66 -1.79 33.69
CA GLY C 37 29.75 -2.30 34.51
C GLY C 37 29.83 -3.82 34.46
N GLU C 38 30.87 -4.38 35.06
CA GLU C 38 31.20 -5.80 34.86
C GLU C 38 30.16 -6.74 35.49
N LEU C 39 30.33 -8.06 35.28
CA LEU C 39 29.37 -9.03 35.81
C LEU C 39 29.47 -9.16 37.32
N GLY C 40 28.43 -9.71 37.91
CA GLY C 40 28.19 -9.64 39.37
C GLY C 40 28.44 -8.38 40.17
N VAL C 41 28.52 -7.22 39.52
CA VAL C 41 29.02 -6.03 40.18
C VAL C 41 27.94 -5.36 41.07
N GLY C 42 26.67 -5.68 40.82
CA GLY C 42 25.55 -5.20 41.63
C GLY C 42 24.48 -4.37 40.90
N LYS C 43 24.59 -4.25 39.58
CA LYS C 43 23.80 -3.28 38.79
C LYS C 43 22.32 -3.52 38.96
N THR C 44 21.93 -4.76 38.81
CA THR C 44 20.53 -5.12 38.92
C THR C 44 20.00 -4.83 40.33
N SER C 45 20.82 -5.03 41.36
CA SER C 45 20.36 -4.99 42.76
C SER C 45 20.23 -3.56 43.20
N ILE C 46 21.12 -2.71 42.65
CA ILE C 46 21.06 -1.25 42.86
C ILE C 46 19.74 -0.72 42.35
N ILE C 47 19.41 -1.08 41.11
CA ILE C 47 18.14 -0.69 40.51
C ILE C 47 16.95 -1.24 41.30
N LYS C 48 16.97 -2.53 41.61
CA LYS C 48 15.88 -3.19 42.34
C LYS C 48 15.67 -2.58 43.72
N ARG C 49 16.76 -2.16 44.36
CA ARG C 49 16.63 -1.46 45.62
C ARG C 49 15.95 -0.10 45.41
N TYR C 50 16.54 0.70 44.54
CA TYR C 50 16.06 2.05 44.29
C TYR C 50 14.59 2.07 43.94
N VAL C 51 14.18 1.13 43.11
CA VAL C 51 12.83 1.14 42.56
C VAL C 51 11.84 0.38 43.43
N HIS C 52 12.20 -0.79 43.98
CA HIS C 52 11.25 -1.56 44.80
C HIS C 52 11.67 -1.79 46.27
N GLN C 53 12.66 -1.05 46.77
CA GLN C 53 13.37 -1.43 48.02
C GLN C 53 13.28 -2.93 48.30
N LEU C 54 14.01 -3.68 47.50
CA LEU C 54 14.28 -5.05 47.80
C LEU C 54 15.72 -5.42 47.52
N PHE C 55 16.18 -6.44 48.23
CA PHE C 55 17.50 -6.99 47.97
C PHE C 55 17.43 -8.50 48.06
N SER C 56 18.03 -9.19 47.10
CA SER C 56 18.36 -10.60 47.24
C SER C 56 19.86 -10.82 47.29
N GLN C 57 20.29 -11.84 48.04
CA GLN C 57 21.67 -12.34 47.94
C GLN C 57 21.87 -13.24 46.72
N HIS C 58 20.78 -13.67 46.10
CA HIS C 58 20.84 -14.76 45.11
C HIS C 58 21.04 -14.23 43.71
N TYR C 59 22.22 -14.50 43.13
CA TYR C 59 22.69 -13.84 41.89
C TYR C 59 22.12 -14.52 40.63
N ARG C 60 21.20 -13.83 39.97
CA ARG C 60 20.73 -14.28 38.68
C ARG C 60 21.33 -13.40 37.64
N ALA C 61 22.16 -13.97 36.77
CA ALA C 61 22.80 -13.17 35.72
C ALA C 61 21.70 -12.57 34.82
N THR C 62 21.79 -11.26 34.62
CA THR C 62 20.99 -10.57 33.62
C THR C 62 21.32 -11.00 32.21
N ILE C 63 20.29 -11.17 31.40
CA ILE C 63 20.44 -11.68 30.03
C ILE C 63 20.05 -10.58 29.06
N GLY C 64 21.04 -10.04 28.37
CA GLY C 64 20.90 -8.85 27.50
C GLY C 64 20.69 -7.55 28.26
N VAL C 65 19.47 -7.03 28.22
CA VAL C 65 19.15 -5.76 28.87
C VAL C 65 17.86 -5.89 29.63
N ASP C 66 17.87 -5.46 30.88
CA ASP C 66 16.65 -5.31 31.65
C ASP C 66 16.33 -3.85 31.85
N PHE C 67 15.13 -3.59 32.32
CA PHE C 67 14.59 -2.26 32.32
C PHE C 67 13.86 -2.05 33.59
N ALA C 68 13.89 -0.81 34.07
CA ALA C 68 12.99 -0.41 35.12
C ALA C 68 12.68 1.06 35.09
N LEU C 69 11.56 1.39 35.71
CA LEU C 69 11.00 2.74 35.70
C LEU C 69 10.93 3.32 37.12
N LYS C 70 11.59 4.45 37.32
CA LYS C 70 11.46 5.18 38.57
C LYS C 70 10.79 6.52 38.32
N VAL C 71 9.77 6.80 39.13
CA VAL C 71 9.06 8.08 39.13
C VAL C 71 9.46 8.89 40.36
N LEU C 72 9.76 10.16 40.18
CA LEU C 72 10.30 11.01 41.24
C LEU C 72 9.56 12.34 41.24
N ASN C 73 9.08 12.78 42.40
CA ASN C 73 8.43 14.09 42.57
C ASN C 73 9.48 15.05 43.07
N TRP C 74 10.21 15.62 42.12
CA TRP C 74 11.36 16.46 42.40
C TRP C 74 10.87 17.65 43.21
N ASP C 75 10.12 18.52 42.55
CA ASP C 75 9.61 19.78 43.08
C ASP C 75 8.16 19.62 43.47
N SER C 76 7.52 20.74 43.82
CA SER C 76 6.10 20.96 43.57
C SER C 76 5.88 21.10 42.08
N ARG C 77 6.78 21.84 41.43
CA ARG C 77 6.63 22.29 40.06
C ARG C 77 7.12 21.25 39.03
N THR C 78 7.83 20.20 39.49
CA THR C 78 8.56 19.31 38.59
C THR C 78 8.30 17.85 38.94
N LEU C 79 7.99 17.06 37.92
CA LEU C 79 8.03 15.61 38.00
C LEU C 79 9.10 15.01 37.07
N VAL C 80 9.91 14.06 37.59
CA VAL C 80 10.81 13.26 36.73
C VAL C 80 10.61 11.75 36.79
N ARG C 81 10.98 11.14 35.67
CA ARG C 81 10.64 9.78 35.30
C ARG C 81 11.93 9.22 34.77
N LEU C 82 12.38 8.11 35.33
CA LEU C 82 13.67 7.53 34.96
C LEU C 82 13.49 6.17 34.34
N GLN C 83 13.91 6.07 33.08
CA GLN C 83 14.08 4.78 32.42
C GLN C 83 15.46 4.24 32.73
N LEU C 84 15.49 3.17 33.50
CA LEU C 84 16.75 2.62 33.93
C LEU C 84 17.08 1.42 33.05
N TRP C 85 18.19 1.56 32.32
CA TRP C 85 18.62 0.53 31.39
C TRP C 85 19.72 -0.33 32.00
N ASP C 86 19.32 -1.52 32.42
CA ASP C 86 20.20 -2.46 33.12
C ASP C 86 20.90 -3.33 32.07
N ILE C 87 22.21 -3.13 31.94
CA ILE C 87 22.97 -3.68 30.82
C ILE C 87 23.94 -4.71 31.34
N ALA C 88 23.55 -5.97 31.17
CA ALA C 88 24.40 -7.14 31.41
C ALA C 88 25.87 -6.88 31.16
N GLY C 89 26.71 -7.33 32.08
CA GLY C 89 28.13 -6.99 32.01
C GLY C 89 28.81 -7.70 30.87
N LEU C 90 28.15 -8.74 30.41
CA LEU C 90 28.62 -9.49 29.29
C LEU C 90 28.50 -8.70 28.00
N GLU C 91 27.49 -7.83 27.92
CA GLU C 91 27.08 -7.22 26.64
C GLU C 91 28.17 -6.32 26.05
N ARG C 92 29.22 -6.04 26.82
CA ARG C 92 30.33 -5.22 26.33
C ARG C 92 31.28 -5.99 25.42
N PHE C 93 31.10 -7.30 25.31
CA PHE C 93 31.88 -8.08 24.36
C PHE C 93 31.13 -8.36 23.07
N GLY C 94 30.02 -7.66 22.83
CA GLY C 94 29.10 -8.03 21.76
C GLY C 94 28.68 -6.95 20.81
N ASN C 95 29.21 -5.75 20.93
CA ASN C 95 29.00 -4.72 19.92
C ASN C 95 27.50 -4.49 19.58
N MSE C 96 26.64 -4.59 20.62
CA MSE C 96 25.22 -4.18 20.64
C MSE C 96 25.03 -2.95 21.48
O MSE C 96 23.91 -2.58 21.85
CB MSE C 96 24.35 -5.26 21.33
CG MSE C 96 23.83 -6.37 20.43
SE MSE C 96 22.68 -5.77 18.95
CE MSE C 96 21.11 -5.24 20.04
N THR C 97 26.13 -2.33 21.85
CA THR C 97 26.07 -1.31 22.88
C THR C 97 25.69 0.02 22.26
N ARG C 98 26.18 0.27 21.05
CA ARG C 98 25.69 1.39 20.24
C ARG C 98 24.17 1.50 20.24
N VAL C 99 23.49 0.36 20.22
CA VAL C 99 22.05 0.33 20.22
C VAL C 99 21.46 0.70 21.56
N TYR C 100 22.03 0.19 22.65
CA TYR C 100 21.44 0.36 23.98
C TYR C 100 21.64 1.77 24.51
N TYR C 101 22.81 2.30 24.17
CA TYR C 101 23.28 3.54 24.70
C TYR C 101 22.53 4.69 24.03
N LYS C 102 22.06 4.51 22.80
CA LYS C 102 21.69 5.64 21.97
C LYS C 102 20.73 6.60 22.70
N GLU C 103 21.07 7.89 22.64
CA GLU C 103 20.24 8.97 23.21
C GLU C 103 19.98 8.74 24.70
N ALA C 104 21.04 8.32 25.38
CA ALA C 104 21.02 8.22 26.81
C ALA C 104 21.33 9.58 27.38
N MSE C 105 20.68 9.89 28.49
CA MSE C 105 20.78 11.20 29.15
C MSE C 105 21.76 11.23 30.31
O MSE C 105 22.29 12.28 30.71
CB MSE C 105 19.33 11.59 29.53
CG MSE C 105 18.57 12.19 28.34
SE MSE C 105 19.55 13.72 27.55
CE MSE C 105 19.69 14.95 29.12
N GLY C 106 22.05 10.06 30.86
CA GLY C 106 23.23 9.83 31.67
C GLY C 106 23.40 8.37 32.11
N ALA C 107 24.41 8.12 32.94
CA ALA C 107 24.86 6.76 33.20
C ALA C 107 25.42 6.62 34.60
N PHE C 108 25.10 5.49 35.22
CA PHE C 108 25.85 4.90 36.32
C PHE C 108 26.80 3.86 35.80
N VAL C 109 28.09 4.12 35.97
CA VAL C 109 29.10 3.08 35.84
C VAL C 109 29.45 2.47 37.20
N VAL C 110 29.32 1.15 37.29
CA VAL C 110 29.33 0.42 38.56
C VAL C 110 30.50 -0.55 38.61
N PHE C 111 31.15 -0.64 39.77
CA PHE C 111 32.09 -1.73 40.04
C PHE C 111 31.92 -2.21 41.46
N ASP C 112 32.63 -3.30 41.78
CA ASP C 112 32.46 -4.06 43.02
C ASP C 112 33.71 -3.81 43.86
N ILE C 113 33.58 -3.02 44.93
CA ILE C 113 34.79 -2.68 45.75
C ILE C 113 35.54 -3.94 46.15
N SER C 114 34.79 -5.02 46.43
CA SER C 114 35.36 -6.34 46.69
C SER C 114 36.00 -7.09 45.50
N ARG C 115 36.26 -6.44 44.36
CA ARG C 115 36.95 -7.10 43.25
C ARG C 115 37.68 -6.07 42.42
N SER C 116 38.99 -6.01 42.55
CA SER C 116 39.77 -5.00 41.84
C SER C 116 39.64 -5.15 40.35
N SER C 117 39.47 -6.38 39.86
CA SER C 117 39.34 -6.55 38.41
C SER C 117 38.22 -5.72 37.80
N THR C 118 37.12 -5.59 38.54
CA THR C 118 35.93 -4.91 38.05
C THR C 118 36.08 -3.40 37.99
N PHE C 119 37.06 -2.89 38.74
CA PHE C 119 37.41 -1.48 38.71
C PHE C 119 38.26 -1.12 37.49
N GLU C 120 39.22 -1.98 37.16
CA GLU C 120 39.98 -1.80 35.91
C GLU C 120 39.05 -1.76 34.71
N ALA C 121 38.02 -2.59 34.77
CA ALA C 121 36.98 -2.59 33.75
C ALA C 121 36.23 -1.26 33.54
N VAL C 122 36.13 -0.38 34.53
CA VAL C 122 35.24 0.78 34.36
C VAL C 122 35.73 1.65 33.19
N LEU C 123 37.03 1.66 32.94
CA LEU C 123 37.57 2.47 31.86
C LEU C 123 37.33 1.85 30.48
N LYS C 124 37.15 0.54 30.43
CA LYS C 124 36.62 -0.09 29.22
C LYS C 124 35.23 0.41 28.95
N TRP C 125 34.36 0.23 29.93
CA TRP C 125 32.98 0.65 29.80
C TRP C 125 32.88 2.14 29.55
N LYS C 126 33.73 2.93 30.19
CA LYS C 126 33.70 4.38 29.97
C LYS C 126 34.09 4.76 28.55
N SER C 127 35.19 4.19 28.02
CA SER C 127 35.51 4.33 26.59
C SER C 127 34.37 4.02 25.63
N ASP C 128 33.84 2.80 25.73
CA ASP C 128 32.67 2.36 25.00
C ASP C 128 31.59 3.43 25.04
N LEU C 129 31.16 3.82 26.26
CA LEU C 129 30.08 4.80 26.43
C LEU C 129 30.33 6.10 25.68
N ASP C 130 31.50 6.69 25.88
CA ASP C 130 31.77 8.04 25.40
C ASP C 130 31.98 8.09 23.89
N SER C 131 32.60 7.04 23.37
CA SER C 131 32.78 6.90 21.93
C SER C 131 31.49 6.58 21.16
N LYS C 132 30.38 6.37 21.86
CA LYS C 132 29.14 5.96 21.19
C LYS C 132 27.90 6.72 21.59
N VAL C 133 27.96 7.60 22.59
CA VAL C 133 26.84 8.49 22.91
C VAL C 133 27.39 9.81 23.31
N HIS C 134 26.88 10.86 22.68
CA HIS C 134 27.15 12.23 23.08
C HIS C 134 25.82 12.87 23.44
N LEU C 135 25.89 13.99 24.15
CA LEU C 135 24.70 14.80 24.34
C LEU C 135 24.33 15.41 23.01
N PRO C 136 23.15 16.04 22.91
CA PRO C 136 22.90 17.13 21.97
C PRO C 136 24.06 18.14 21.78
N ASN C 137 24.74 18.57 22.84
CA ASN C 137 25.82 19.55 22.67
C ASN C 137 26.99 18.97 21.87
N GLY C 138 27.14 17.65 21.86
CA GLY C 138 28.39 17.03 21.46
C GLY C 138 29.30 16.68 22.63
N SER C 139 29.08 17.30 23.80
CA SER C 139 29.80 16.92 25.01
C SER C 139 29.35 15.53 25.50
N PRO C 140 30.29 14.76 26.08
CA PRO C 140 29.94 13.55 26.82
C PRO C 140 28.83 13.73 27.82
N ILE C 141 28.21 12.61 28.14
CA ILE C 141 26.98 12.57 28.91
C ILE C 141 27.42 12.40 30.38
N PRO C 142 26.65 12.92 31.33
CA PRO C 142 27.10 12.90 32.72
C PRO C 142 27.22 11.46 33.21
N ALA C 143 28.36 11.10 33.80
CA ALA C 143 28.54 9.74 34.33
C ALA C 143 28.97 9.73 35.80
N VAL C 144 28.29 8.91 36.59
CA VAL C 144 28.55 8.82 37.99
C VAL C 144 29.12 7.44 38.28
N LEU C 145 30.29 7.41 38.94
CA LEU C 145 30.96 6.16 39.25
C LEU C 145 30.46 5.58 40.56
N LEU C 146 30.09 4.31 40.59
CA LEU C 146 29.57 3.69 41.81
C LEU C 146 30.48 2.58 42.26
N ALA C 147 31.00 2.74 43.47
CA ALA C 147 31.74 1.71 44.17
C ALA C 147 30.77 0.92 45.06
N ASN C 148 30.24 -0.16 44.50
CA ASN C 148 29.13 -0.87 45.13
C ASN C 148 29.64 -1.97 46.03
N LYS C 149 28.73 -2.53 46.81
CA LYS C 149 29.02 -3.54 47.85
C LYS C 149 29.90 -3.00 48.98
N CYS C 150 29.78 -1.71 49.24
CA CYS C 150 30.54 -1.02 50.29
C CYS C 150 30.24 -1.54 51.69
N ASP C 151 29.21 -2.34 51.86
CA ASP C 151 29.03 -3.04 53.13
C ASP C 151 29.95 -4.27 53.37
N GLN C 152 30.82 -4.63 52.42
CA GLN C 152 31.89 -5.62 52.65
C GLN C 152 33.29 -4.94 52.74
N ASN C 153 34.35 -5.60 52.24
CA ASN C 153 35.71 -4.98 52.20
C ASN C 153 36.06 -4.23 50.95
N MSE C 158 41.82 2.45 47.47
CA MSE C 158 41.46 3.74 46.88
C MSE C 158 40.85 4.67 47.91
O MSE C 158 39.70 4.51 48.31
CB MSE C 158 40.54 3.47 45.69
CG MSE C 158 41.31 3.00 44.45
SE MSE C 158 41.44 4.38 43.04
CE MSE C 158 43.18 3.98 42.20
N SER C 159 41.63 5.66 48.35
CA SER C 159 41.16 6.78 49.17
C SER C 159 40.20 7.72 48.47
N PRO C 160 39.33 8.42 49.23
CA PRO C 160 38.52 9.52 48.68
C PRO C 160 39.23 10.54 47.78
N SER C 161 40.47 10.88 48.10
CA SER C 161 41.22 11.87 47.31
C SER C 161 41.69 11.30 45.97
N GLN C 162 41.95 9.99 45.91
CA GLN C 162 42.25 9.31 44.60
C GLN C 162 41.03 9.16 43.73
N MSE C 163 39.87 8.86 44.32
CA MSE C 163 38.63 8.74 43.56
C MSE C 163 38.37 10.03 42.86
O MSE C 163 38.07 10.04 41.67
CB MSE C 163 37.41 8.44 44.44
CG MSE C 163 37.37 7.03 45.02
SE MSE C 163 37.43 5.58 43.69
CE MSE C 163 35.55 5.00 43.92
N ASP C 164 38.52 11.14 43.57
CA ASP C 164 38.33 12.47 43.00
C ASP C 164 39.30 12.72 41.86
N GLN C 165 40.56 12.37 42.04
CA GLN C 165 41.56 12.48 40.97
C GLN C 165 41.17 11.59 39.78
N PHE C 166 40.76 10.36 40.08
CA PHE C 166 40.29 9.43 39.06
C PHE C 166 39.12 9.99 38.26
N CYS C 167 38.08 10.41 38.97
CA CYS C 167 36.90 11.00 38.33
C CYS C 167 37.25 12.21 37.50
N LYS C 168 38.07 13.08 38.09
CA LYS C 168 38.52 14.30 37.44
C LYS C 168 39.32 13.92 36.15
N GLU C 169 40.11 12.86 36.18
CA GLU C 169 40.91 12.52 35.01
C GLU C 169 40.12 11.88 33.87
N HIS C 170 39.07 11.13 34.19
CA HIS C 170 38.38 10.28 33.19
C HIS C 170 36.93 10.66 32.95
N GLY C 171 36.52 11.83 33.41
CA GLY C 171 35.27 12.41 33.00
C GLY C 171 34.09 11.78 33.68
N PHE C 172 34.25 11.37 34.93
CA PHE C 172 33.09 11.13 35.75
C PHE C 172 32.71 12.40 36.50
N ALA C 173 31.43 12.76 36.40
CA ALA C 173 30.80 13.79 37.25
C ALA C 173 31.06 13.62 38.74
N GLY C 174 31.20 12.39 39.21
CA GLY C 174 31.17 12.14 40.64
C GLY C 174 31.15 10.68 40.99
N TRP C 175 31.32 10.39 42.27
CA TRP C 175 31.42 9.01 42.69
C TRP C 175 30.75 8.82 44.02
N PHE C 176 30.50 7.56 44.34
CA PHE C 176 29.73 7.21 45.51
C PHE C 176 30.05 5.77 45.95
N GLU C 177 30.27 5.55 47.24
CA GLU C 177 30.26 4.21 47.79
C GLU C 177 28.85 3.81 48.12
N THR C 178 28.39 2.70 47.56
CA THR C 178 26.99 2.32 47.64
C THR C 178 26.85 0.91 48.13
N SER C 179 25.73 0.63 48.77
CA SER C 179 25.36 -0.73 48.99
C SER C 179 23.88 -0.86 48.74
N ALA C 180 23.54 -1.68 47.76
CA ALA C 180 22.17 -2.15 47.63
C ALA C 180 21.74 -3.05 48.77
N LYS C 181 22.65 -3.83 49.34
CA LYS C 181 22.29 -4.67 50.49
C LYS C 181 21.64 -3.86 51.60
N ASP C 182 22.30 -2.78 51.98
CA ASP C 182 21.95 -2.01 53.18
C ASP C 182 21.38 -0.63 52.86
N ASN C 183 21.13 -0.36 51.58
CA ASN C 183 20.67 0.94 51.13
C ASN C 183 21.59 2.08 51.51
N ILE C 184 22.86 1.96 51.25
CA ILE C 184 23.74 3.11 51.38
C ILE C 184 23.84 3.81 50.04
N ASN C 185 23.52 5.10 50.06
CA ASN C 185 24.03 6.05 49.08
C ASN C 185 23.41 5.97 47.67
N ILE C 186 22.38 5.16 47.51
CA ILE C 186 21.82 4.94 46.20
C ILE C 186 20.92 6.11 45.86
N GLU C 187 20.09 6.51 46.83
CA GLU C 187 19.27 7.73 46.73
C GLU C 187 20.10 8.94 46.34
N GLU C 188 21.24 9.09 47.00
CA GLU C 188 22.03 10.31 46.94
C GLU C 188 22.70 10.41 45.58
N ALA C 189 23.13 9.24 45.09
CA ALA C 189 23.68 9.09 43.75
C ALA C 189 22.64 9.39 42.71
N ALA C 190 21.43 8.83 42.84
CA ALA C 190 20.36 9.14 41.90
C ALA C 190 20.11 10.64 41.78
N ARG C 191 20.00 11.31 42.94
CA ARG C 191 19.72 12.76 42.99
C ARG C 191 20.82 13.56 42.36
N PHE C 192 22.06 13.25 42.72
CA PHE C 192 23.24 13.89 42.13
C PHE C 192 23.21 13.86 40.60
N LEU C 193 22.83 12.72 40.03
CA LEU C 193 22.75 12.54 38.59
C LEU C 193 21.54 13.25 38.00
N VAL C 194 20.36 13.10 38.61
CA VAL C 194 19.18 13.86 38.15
C VAL C 194 19.47 15.37 38.11
N GLU C 195 20.10 15.88 39.16
CA GLU C 195 20.49 17.29 39.21
C GLU C 195 21.37 17.62 38.00
N LYS C 196 22.41 16.85 37.73
CA LYS C 196 23.22 17.13 36.53
C LYS C 196 22.43 17.17 35.23
N MSE C 197 21.42 16.30 35.10
CA MSE C 197 20.76 16.07 33.80
C MSE C 197 19.71 17.13 33.60
O MSE C 197 19.44 17.49 32.44
CB MSE C 197 20.09 14.70 33.72
CG MSE C 197 21.09 13.55 33.55
SE MSE C 197 20.28 11.76 33.43
CE MSE C 197 19.08 11.67 35.00
N LEU C 198 19.13 17.64 34.69
CA LEU C 198 18.25 18.81 34.66
C LEU C 198 18.95 20.14 34.26
N VAL C 199 20.18 20.30 34.70
CA VAL C 199 21.04 21.35 34.18
C VAL C 199 21.23 21.20 32.66
N ASN C 200 21.52 19.99 32.21
CA ASN C 200 21.71 19.73 30.79
C ASN C 200 20.47 19.95 29.91
N HIS C 201 19.27 19.81 30.48
CA HIS C 201 18.02 20.11 29.75
C HIS C 201 17.85 21.60 29.47
N GLN C 202 18.68 22.42 30.10
CA GLN C 202 18.82 23.83 29.74
C GLN C 202 20.10 23.99 28.91
N SER C 203 20.17 23.33 27.75
CA SER C 203 21.30 23.54 26.79
C SER C 203 21.18 22.90 25.40
N VAL D 10 -20.55 23.08 -16.95
CA VAL D 10 -20.57 21.62 -16.59
C VAL D 10 -19.83 20.84 -17.70
N VAL D 11 -19.94 19.52 -17.59
CA VAL D 11 -19.23 18.59 -18.43
C VAL D 11 -19.86 18.54 -19.81
N THR D 12 -19.02 18.50 -20.84
CA THR D 12 -19.50 18.25 -22.19
C THR D 12 -19.08 16.85 -22.70
N PRO D 13 -19.95 15.84 -22.53
CA PRO D 13 -19.53 14.46 -22.63
C PRO D 13 -19.41 13.98 -24.09
N PHE D 14 -19.74 14.88 -25.01
CA PHE D 14 -19.76 14.64 -26.47
C PHE D 14 -18.58 15.35 -27.14
N SER D 15 -17.77 15.97 -26.31
CA SER D 15 -16.56 16.60 -26.75
C SER D 15 -15.63 15.58 -27.42
N ARG D 16 -14.99 15.96 -28.52
CA ARG D 16 -14.06 15.03 -29.22
C ARG D 16 -12.70 15.63 -29.38
N ASP D 17 -11.66 14.81 -29.37
CA ASP D 17 -10.38 15.26 -29.89
C ASP D 17 -10.18 14.76 -31.30
N ASP D 18 -8.99 14.95 -31.85
CA ASP D 18 -8.77 14.69 -33.26
C ASP D 18 -8.44 13.23 -33.52
N ARG D 19 -8.47 12.38 -32.51
CA ARG D 19 -8.59 10.94 -32.73
C ARG D 19 -9.95 10.39 -32.35
N GLY D 20 -10.91 11.30 -32.12
CA GLY D 20 -12.28 10.90 -31.78
C GLY D 20 -12.43 10.30 -30.41
N HIS D 21 -11.66 10.78 -29.44
CA HIS D 21 -11.75 10.36 -28.05
C HIS D 21 -12.70 11.28 -27.35
N THR D 22 -13.83 10.72 -26.94
CA THR D 22 -14.71 11.35 -25.95
C THR D 22 -14.04 11.31 -24.57
N PRO D 23 -14.51 12.12 -23.62
CA PRO D 23 -14.15 11.94 -22.22
C PRO D 23 -14.40 10.53 -21.72
N LEU D 24 -15.44 9.90 -22.21
CA LEU D 24 -15.75 8.56 -21.74
C LEU D 24 -14.71 7.53 -22.17
N HIS D 25 -14.10 7.73 -23.34
CA HIS D 25 -12.92 6.95 -23.74
C HIS D 25 -11.76 7.17 -22.77
N VAL D 26 -11.56 8.41 -22.34
CA VAL D 26 -10.44 8.76 -21.47
C VAL D 26 -10.64 8.14 -20.10
N ALA D 27 -11.80 8.35 -19.51
CA ALA D 27 -12.22 7.63 -18.29
C ALA D 27 -12.01 6.11 -18.32
N ALA D 28 -12.39 5.46 -19.41
CA ALA D 28 -12.13 4.04 -19.58
C ALA D 28 -10.66 3.65 -19.52
N VAL D 29 -9.81 4.34 -20.25
CA VAL D 29 -8.43 3.92 -20.32
C VAL D 29 -7.66 4.28 -19.01
N CYS D 30 -8.17 5.23 -18.23
CA CYS D 30 -7.66 5.55 -16.90
C CYS D 30 -8.23 4.73 -15.75
N GLY D 31 -9.26 3.94 -16.01
CA GLY D 31 -9.90 3.19 -14.95
C GLY D 31 -10.80 4.01 -14.03
N GLN D 32 -10.99 5.29 -14.31
CA GLN D 32 -11.72 6.16 -13.40
C GLN D 32 -13.25 5.91 -13.46
N ALA D 33 -13.71 4.92 -12.70
CA ALA D 33 -15.10 4.44 -12.78
C ALA D 33 -16.16 5.39 -12.25
N SER D 34 -15.81 6.29 -11.34
CA SER D 34 -16.80 7.27 -10.86
C SER D 34 -17.04 8.34 -11.89
N LEU D 35 -15.98 8.63 -12.63
CA LEU D 35 -16.02 9.47 -13.83
C LEU D 35 -17.00 8.91 -14.86
N ILE D 36 -16.92 7.60 -15.09
CA ILE D 36 -17.82 6.92 -16.02
C ILE D 36 -19.25 7.13 -15.59
N ASP D 37 -19.52 6.87 -14.31
CA ASP D 37 -20.87 7.03 -13.76
C ASP D 37 -21.40 8.40 -14.06
N LEU D 38 -20.56 9.39 -13.80
CA LEU D 38 -20.93 10.79 -13.99
C LEU D 38 -21.17 11.07 -15.47
N LEU D 39 -20.24 10.63 -16.31
CA LEU D 39 -20.30 10.98 -17.72
C LEU D 39 -21.54 10.37 -18.32
N VAL D 40 -21.82 9.12 -17.98
CA VAL D 40 -22.99 8.46 -18.49
C VAL D 40 -24.22 9.21 -18.04
N SER D 41 -24.21 9.61 -16.79
CA SER D 41 -25.32 10.35 -16.19
C SER D 41 -25.54 11.68 -16.87
N LYS D 42 -24.49 12.22 -17.47
CA LYS D 42 -24.59 13.52 -18.12
C LYS D 42 -24.86 13.45 -19.63
N GLY D 43 -25.04 12.25 -20.18
CA GLY D 43 -25.36 12.11 -21.60
C GLY D 43 -24.42 11.24 -22.41
N ALA D 44 -23.22 10.99 -21.91
CA ALA D 44 -22.16 10.43 -22.73
C ALA D 44 -22.66 9.25 -23.57
N MET D 45 -22.17 9.17 -24.79
CA MET D 45 -22.46 8.03 -25.66
C MET D 45 -21.54 6.86 -25.34
N VAL D 46 -22.16 5.77 -24.89
CA VAL D 46 -21.43 4.62 -24.41
C VAL D 46 -20.73 3.87 -25.54
N ASN D 47 -21.38 3.76 -26.70
CA ASN D 47 -20.76 3.10 -27.84
C ASN D 47 -20.20 4.04 -28.88
N ALA D 48 -19.84 5.22 -28.42
CA ALA D 48 -19.01 6.10 -29.19
C ALA D 48 -17.79 5.35 -29.68
N THR D 49 -17.47 5.57 -30.96
CA THR D 49 -16.29 4.98 -31.62
C THR D 49 -15.27 6.06 -31.90
N ASP D 50 -14.02 5.75 -31.58
CA ASP D 50 -12.90 6.65 -31.86
C ASP D 50 -12.47 6.46 -33.32
N TYR D 51 -11.47 7.22 -33.73
CA TYR D 51 -11.11 7.28 -35.15
C TYR D 51 -10.76 5.94 -35.76
N HIS D 52 -10.38 4.95 -34.97
CA HIS D 52 -10.12 3.63 -35.52
C HIS D 52 -11.04 2.56 -34.96
N GLY D 53 -12.23 3.00 -34.59
CA GLY D 53 -13.38 2.10 -34.50
C GLY D 53 -13.51 1.53 -33.11
N ALA D 54 -12.75 2.10 -32.17
CA ALA D 54 -12.57 1.57 -30.83
C ALA D 54 -13.53 2.25 -29.86
N THR D 55 -14.25 1.41 -29.14
CA THR D 55 -15.30 1.78 -28.19
C THR D 55 -14.60 2.02 -26.82
N PRO D 56 -15.21 2.68 -25.84
CA PRO D 56 -14.51 2.70 -24.54
C PRO D 56 -14.38 1.33 -23.90
N LEU D 57 -15.38 0.48 -24.05
CA LEU D 57 -15.25 -0.94 -23.75
C LEU D 57 -14.01 -1.60 -24.36
N HIS D 58 -13.64 -1.24 -25.60
CA HIS D 58 -12.42 -1.79 -26.24
C HIS D 58 -11.21 -1.38 -25.41
N LEU D 59 -11.20 -0.14 -24.96
CA LEU D 59 -10.09 0.37 -24.19
C LEU D 59 -9.97 -0.29 -22.80
N ALA D 60 -11.05 -0.33 -22.04
CA ALA D 60 -11.14 -1.20 -20.88
C ALA D 60 -10.71 -2.66 -21.10
N CYS D 61 -11.11 -3.29 -22.19
CA CYS D 61 -10.72 -4.69 -22.38
C CYS D 61 -9.29 -4.93 -22.85
N GLN D 62 -8.60 -3.85 -23.21
CA GLN D 62 -7.20 -3.94 -23.63
C GLN D 62 -6.24 -3.61 -22.49
N LYS D 63 -6.57 -2.57 -21.73
CA LYS D 63 -5.99 -2.31 -20.41
C LYS D 63 -6.31 -3.39 -19.37
N GLY D 64 -7.25 -4.27 -19.68
CA GLY D 64 -7.75 -5.24 -18.70
C GLY D 64 -8.47 -4.77 -17.43
N TYR D 65 -9.12 -3.60 -17.42
CA TYR D 65 -9.87 -3.18 -16.24
C TYR D 65 -11.22 -3.86 -16.14
N GLN D 66 -11.31 -4.95 -15.39
CA GLN D 66 -12.58 -5.70 -15.24
C GLN D 66 -13.71 -4.87 -14.64
N SER D 67 -13.37 -4.12 -13.61
CA SER D 67 -14.28 -3.16 -13.00
C SER D 67 -15.00 -2.31 -14.06
N VAL D 68 -14.22 -1.62 -14.86
CA VAL D 68 -14.73 -0.72 -15.88
C VAL D 68 -15.51 -1.51 -16.94
N THR D 69 -14.93 -2.61 -17.43
CA THR D 69 -15.58 -3.43 -18.41
C THR D 69 -17.00 -3.74 -17.97
N LEU D 70 -17.16 -4.17 -16.74
CA LEU D 70 -18.51 -4.51 -16.26
C LEU D 70 -19.39 -3.28 -16.13
N LEU D 71 -18.83 -2.20 -15.61
CA LEU D 71 -19.58 -0.96 -15.47
C LEU D 71 -20.08 -0.44 -16.82
N LEU D 72 -19.30 -0.64 -17.86
CA LEU D 72 -19.75 -0.26 -19.17
C LEU D 72 -20.90 -1.17 -19.59
N LEU D 73 -20.72 -2.48 -19.43
CA LEU D 73 -21.74 -3.45 -19.88
C LEU D 73 -23.03 -3.25 -19.15
N HIS D 74 -22.91 -2.85 -17.90
CA HIS D 74 -24.02 -2.38 -17.10
C HIS D 74 -24.76 -1.22 -17.75
N TYR D 75 -24.02 -0.19 -18.11
CA TYR D 75 -24.58 0.95 -18.84
C TYR D 75 -24.78 0.67 -20.35
N LYS D 76 -24.92 -0.62 -20.67
CA LYS D 76 -25.49 -1.10 -21.93
C LYS D 76 -24.53 -0.92 -23.10
N ALA D 77 -23.24 -0.97 -22.84
CA ALA D 77 -22.25 -1.07 -23.91
C ALA D 77 -22.47 -2.32 -24.75
N SER D 78 -22.15 -2.23 -26.02
CA SER D 78 -22.20 -3.35 -26.93
C SER D 78 -20.81 -3.96 -27.09
N ALA D 79 -20.81 -5.29 -27.01
CA ALA D 79 -19.60 -6.08 -27.05
C ALA D 79 -19.31 -6.56 -28.46
N GLU D 80 -20.22 -6.31 -29.41
CA GLU D 80 -20.07 -6.83 -30.75
C GLU D 80 -19.49 -5.79 -31.69
N VAL D 81 -19.25 -4.57 -31.21
CA VAL D 81 -18.62 -3.52 -32.03
C VAL D 81 -17.22 -3.90 -32.55
N GLN D 82 -16.94 -3.66 -33.84
CA GLN D 82 -15.62 -3.98 -34.42
C GLN D 82 -14.74 -2.78 -34.80
N ASP D 83 -13.49 -2.83 -34.38
CA ASP D 83 -12.57 -1.76 -34.69
C ASP D 83 -12.13 -1.92 -36.13
N ASN D 84 -11.33 -0.97 -36.62
CA ASN D 84 -10.67 -1.12 -37.94
C ASN D 84 -10.06 -2.50 -38.22
N ASN D 85 -9.69 -3.27 -37.22
CA ASN D 85 -9.10 -4.57 -37.50
C ASN D 85 -10.08 -5.73 -37.40
N GLY D 86 -11.36 -5.39 -37.22
CA GLY D 86 -12.43 -6.36 -37.11
C GLY D 86 -12.52 -6.96 -35.73
N ASN D 87 -11.88 -6.34 -34.75
CA ASN D 87 -11.86 -6.89 -33.40
C ASN D 87 -12.98 -6.36 -32.54
N THR D 88 -13.71 -7.26 -31.91
CA THR D 88 -14.52 -6.92 -30.74
C THR D 88 -13.66 -6.73 -29.52
N PRO D 89 -14.19 -6.07 -28.46
CA PRO D 89 -13.48 -6.04 -27.17
C PRO D 89 -13.03 -7.43 -26.68
N LEU D 90 -13.87 -8.45 -26.88
CA LEU D 90 -13.51 -9.81 -26.54
C LEU D 90 -12.27 -10.30 -27.27
N HIS D 91 -12.12 -9.95 -28.55
CA HIS D 91 -10.85 -10.23 -29.26
C HIS D 91 -9.68 -9.55 -28.55
N LEU D 92 -9.86 -8.30 -28.14
CA LEU D 92 -8.77 -7.56 -27.55
C LEU D 92 -8.39 -8.13 -26.19
N ALA D 93 -9.38 -8.54 -25.42
CA ALA D 93 -9.08 -9.22 -24.16
C ALA D 93 -8.46 -10.59 -24.34
N CYS D 94 -8.81 -11.29 -25.40
CA CYS D 94 -8.12 -12.51 -25.78
C CYS D 94 -6.68 -12.32 -26.28
N THR D 95 -6.36 -11.20 -26.91
CA THR D 95 -5.01 -11.03 -27.47
C THR D 95 -4.05 -10.64 -26.37
N TYR D 96 -4.54 -9.94 -25.37
CA TYR D 96 -3.70 -9.54 -24.24
C TYR D 96 -3.94 -10.39 -22.99
N GLY D 97 -4.60 -11.53 -23.15
CA GLY D 97 -4.77 -12.50 -22.05
C GLY D 97 -5.57 -12.13 -20.80
N HIS D 98 -6.34 -11.03 -20.76
CA HIS D 98 -7.04 -10.67 -19.51
C HIS D 98 -8.27 -11.56 -19.31
N GLU D 99 -8.05 -12.72 -18.73
CA GLU D 99 -9.11 -13.65 -18.50
C GLU D 99 -10.22 -13.07 -17.61
N ASP D 100 -9.87 -12.17 -16.69
CA ASP D 100 -10.89 -11.53 -15.83
C ASP D 100 -11.91 -10.74 -16.65
N CYS D 101 -11.42 -10.12 -17.70
CA CYS D 101 -12.26 -9.36 -18.62
C CYS D 101 -12.98 -10.28 -19.59
N VAL D 102 -12.23 -11.21 -20.19
CA VAL D 102 -12.84 -12.23 -21.04
C VAL D 102 -14.07 -12.85 -20.36
N LYS D 103 -13.93 -13.17 -19.09
CA LYS D 103 -15.05 -13.75 -18.35
C LYS D 103 -16.21 -12.77 -18.23
N ALA D 104 -15.92 -11.54 -17.84
CA ALA D 104 -16.98 -10.53 -17.68
C ALA D 104 -17.83 -10.46 -18.93
N LEU D 105 -17.15 -10.48 -20.07
CA LEU D 105 -17.83 -10.40 -21.38
C LEU D 105 -18.66 -11.65 -21.67
N VAL D 106 -18.04 -12.81 -21.48
CA VAL D 106 -18.70 -14.08 -21.76
C VAL D 106 -19.89 -14.29 -20.87
N TYR D 107 -19.82 -13.83 -19.62
CA TYR D 107 -20.91 -14.08 -18.67
C TYR D 107 -21.88 -12.94 -18.46
N TYR D 108 -21.57 -11.71 -18.90
CA TYR D 108 -22.41 -10.57 -18.46
C TYR D 108 -23.89 -10.85 -18.73
N ASP D 109 -24.13 -11.39 -19.91
CA ASP D 109 -25.46 -11.35 -20.49
C ASP D 109 -25.81 -12.77 -20.73
N VAL D 110 -26.99 -13.17 -20.26
CA VAL D 110 -27.25 -14.60 -20.17
C VAL D 110 -27.51 -15.15 -21.59
N GLU D 111 -27.91 -14.27 -22.51
CA GLU D 111 -27.83 -14.56 -23.94
C GLU D 111 -26.34 -14.39 -24.43
N SER D 112 -25.45 -15.28 -23.98
CA SER D 112 -24.01 -14.94 -23.86
C SER D 112 -23.22 -14.64 -25.16
N CYS D 113 -22.16 -13.82 -25.01
CA CYS D 113 -21.34 -13.30 -26.13
C CYS D 113 -21.30 -14.30 -27.27
N ARG D 114 -21.20 -13.81 -28.49
CA ARG D 114 -21.33 -14.73 -29.60
C ARG D 114 -20.19 -15.73 -29.80
N LEU D 115 -18.95 -15.28 -29.87
CA LEU D 115 -17.82 -16.22 -29.94
C LEU D 115 -17.40 -16.71 -31.33
N ASP D 116 -18.31 -16.63 -32.29
CA ASP D 116 -18.02 -16.99 -33.68
C ASP D 116 -17.59 -15.78 -34.53
N ILE D 117 -17.54 -14.59 -33.94
CA ILE D 117 -17.28 -13.38 -34.70
C ILE D 117 -15.81 -13.35 -35.14
N GLY D 118 -15.58 -13.22 -36.44
CA GLY D 118 -14.22 -13.21 -36.98
C GLY D 118 -13.74 -11.79 -37.20
N ASN D 119 -12.47 -11.56 -36.94
CA ASN D 119 -11.89 -10.25 -37.22
C ASN D 119 -11.42 -10.19 -38.67
N GLU D 120 -10.60 -9.18 -39.02
CA GLU D 120 -10.08 -9.04 -40.41
C GLU D 120 -9.35 -10.28 -40.88
N LYS D 121 -8.60 -10.92 -39.98
CA LYS D 121 -7.86 -12.12 -40.36
C LYS D 121 -8.73 -13.38 -40.31
N GLY D 122 -10.02 -13.23 -40.00
CA GLY D 122 -10.95 -14.36 -39.87
C GLY D 122 -10.85 -15.07 -38.54
N ASP D 123 -9.97 -14.57 -37.66
CA ASP D 123 -9.79 -15.12 -36.33
C ASP D 123 -11.00 -14.80 -35.43
N THR D 124 -11.65 -15.85 -34.95
CA THR D 124 -12.44 -15.83 -33.71
C THR D 124 -11.60 -15.64 -32.45
N PRO D 125 -12.22 -15.26 -31.34
CA PRO D 125 -11.49 -15.17 -30.06
C PRO D 125 -10.68 -16.43 -29.67
N LEU D 126 -11.21 -17.60 -29.94
CA LEU D 126 -10.53 -18.85 -29.61
C LEU D 126 -9.22 -19.07 -30.40
N HIS D 127 -9.21 -18.68 -31.68
CA HIS D 127 -7.98 -18.61 -32.46
C HIS D 127 -6.96 -17.78 -31.72
N ILE D 128 -7.34 -16.58 -31.33
CA ILE D 128 -6.41 -15.61 -30.80
C ILE D 128 -5.86 -16.15 -29.49
N ALA D 129 -6.73 -16.81 -28.74
CA ALA D 129 -6.37 -17.33 -27.45
C ALA D 129 -5.41 -18.50 -27.61
N ALA D 130 -5.70 -19.41 -28.54
CA ALA D 130 -4.76 -20.48 -28.92
C ALA D 130 -3.40 -19.92 -29.37
N ARG D 131 -3.41 -18.95 -30.28
CA ARG D 131 -2.18 -18.32 -30.78
C ARG D 131 -1.25 -17.95 -29.64
N TRP D 132 -1.67 -17.04 -28.76
CA TRP D 132 -0.79 -16.58 -27.69
C TRP D 132 -0.75 -17.54 -26.49
N GLY D 133 -1.51 -18.63 -26.55
CA GLY D 133 -1.41 -19.72 -25.58
C GLY D 133 -2.03 -19.52 -24.18
N TYR D 134 -3.01 -18.62 -24.05
CA TYR D 134 -3.62 -18.31 -22.73
C TYR D 134 -4.65 -19.35 -22.28
N GLN D 135 -4.26 -20.16 -21.31
CA GLN D 135 -4.95 -21.42 -21.14
C GLN D 135 -6.32 -21.19 -20.51
N GLY D 136 -6.34 -20.30 -19.52
CA GLY D 136 -7.54 -20.06 -18.73
C GLY D 136 -8.62 -19.45 -19.59
N VAL D 137 -8.22 -18.43 -20.34
CA VAL D 137 -9.03 -17.90 -21.42
C VAL D 137 -9.56 -19.04 -22.27
N ILE D 138 -8.66 -19.83 -22.85
CA ILE D 138 -9.06 -20.88 -23.81
C ILE D 138 -10.15 -21.74 -23.20
N GLU D 139 -9.92 -22.15 -21.96
CA GLU D 139 -10.91 -22.97 -21.27
C GLU D 139 -12.26 -22.24 -21.16
N THR D 140 -12.25 -21.02 -20.60
CA THR D 140 -13.50 -20.27 -20.39
C THR D 140 -14.33 -20.25 -21.65
N LEU D 141 -13.64 -20.08 -22.79
CA LEU D 141 -14.30 -19.98 -24.10
C LEU D 141 -14.90 -21.29 -24.52
N LEU D 142 -14.12 -22.35 -24.33
CA LEU D 142 -14.58 -23.68 -24.64
C LEU D 142 -15.75 -24.07 -23.77
N GLN D 143 -15.63 -23.85 -22.47
CA GLN D 143 -16.76 -24.09 -21.57
C GLN D 143 -18.07 -23.43 -22.01
N ASN D 144 -17.99 -22.31 -22.71
CA ASN D 144 -19.19 -21.60 -23.11
C ASN D 144 -19.53 -21.77 -24.59
N GLY D 145 -18.93 -22.78 -25.22
CA GLY D 145 -19.41 -23.27 -26.51
C GLY D 145 -18.50 -22.97 -27.67
N ALA D 146 -17.33 -22.40 -27.41
CA ALA D 146 -16.47 -21.93 -28.50
C ALA D 146 -16.19 -23.08 -29.48
N SER D 147 -16.63 -22.90 -30.72
CA SER D 147 -16.33 -23.84 -31.80
C SER D 147 -14.83 -24.04 -32.06
N THR D 148 -14.49 -25.28 -32.43
CA THR D 148 -13.09 -25.71 -32.58
C THR D 148 -12.76 -26.01 -34.04
N GLU D 149 -13.76 -25.84 -34.91
CA GLU D 149 -13.62 -26.13 -36.32
C GLU D 149 -13.51 -24.85 -37.12
N ILE D 150 -14.51 -23.97 -36.97
CA ILE D 150 -14.53 -22.60 -37.54
C ILE D 150 -13.15 -22.02 -37.93
N GLN D 151 -13.07 -21.56 -39.16
CA GLN D 151 -11.82 -21.61 -39.90
C GLN D 151 -11.39 -20.22 -40.30
N ASN D 152 -10.19 -19.80 -39.90
CA ASN D 152 -9.80 -18.42 -40.14
C ASN D 152 -9.51 -18.22 -41.61
N ARG D 153 -9.17 -17.01 -42.02
CA ARG D 153 -8.98 -16.68 -43.43
C ARG D 153 -7.95 -17.58 -44.13
N LEU D 154 -6.77 -17.70 -43.50
CA LEU D 154 -5.73 -18.63 -43.94
C LEU D 154 -6.14 -20.13 -43.82
N LYS D 155 -7.44 -20.41 -43.71
CA LYS D 155 -7.95 -21.79 -43.63
C LYS D 155 -7.50 -22.57 -42.38
N GLU D 156 -7.01 -21.87 -41.35
CA GLU D 156 -6.66 -22.49 -40.06
C GLU D 156 -7.89 -22.63 -39.14
N THR D 157 -7.92 -23.71 -38.37
CA THR D 157 -8.85 -23.85 -37.24
C THR D 157 -8.17 -23.34 -35.95
N PRO D 158 -8.93 -23.23 -34.84
CA PRO D 158 -8.32 -22.85 -33.58
C PRO D 158 -7.26 -23.86 -33.07
N LEU D 159 -7.37 -25.12 -33.52
CA LEU D 159 -6.44 -26.20 -33.11
C LEU D 159 -5.08 -25.99 -33.77
N LYS D 160 -5.13 -25.91 -35.10
CA LYS D 160 -4.07 -25.34 -35.93
C LYS D 160 -3.31 -24.16 -35.31
N CYS D 161 -4.03 -23.24 -34.69
CA CYS D 161 -3.40 -22.03 -34.14
C CYS D 161 -2.73 -22.22 -32.77
N ALA D 162 -2.98 -23.36 -32.13
CA ALA D 162 -2.48 -23.61 -30.78
C ALA D 162 -0.97 -23.42 -30.69
N LEU D 163 -0.49 -22.88 -29.57
CA LEU D 163 0.94 -22.63 -29.39
C LEU D 163 1.73 -23.94 -29.38
N ASN D 164 1.43 -24.81 -28.44
CA ASN D 164 2.22 -26.03 -28.25
C ASN D 164 1.33 -27.27 -28.22
N SER D 165 1.96 -28.43 -28.09
CA SER D 165 1.23 -29.68 -27.96
C SER D 165 0.41 -29.72 -26.66
N LYS D 166 0.87 -29.00 -25.62
CA LYS D 166 0.07 -28.89 -24.39
C LYS D 166 -1.26 -28.23 -24.65
N ILE D 167 -1.21 -27.01 -25.16
CA ILE D 167 -2.41 -26.21 -25.36
C ILE D 167 -3.30 -27.01 -26.32
N LEU D 168 -2.72 -27.47 -27.41
CA LEU D 168 -3.45 -28.29 -28.39
C LEU D 168 -4.34 -29.33 -27.68
N SER D 169 -3.75 -30.09 -26.77
CA SER D 169 -4.44 -31.21 -26.15
C SER D 169 -5.56 -30.74 -25.20
N VAL D 170 -5.32 -29.62 -24.51
CA VAL D 170 -6.37 -28.94 -23.70
C VAL D 170 -7.65 -28.68 -24.52
N MET D 171 -7.47 -28.30 -25.78
CA MET D 171 -8.58 -28.00 -26.68
C MET D 171 -9.24 -29.30 -27.20
N GLU D 172 -8.41 -30.32 -27.42
CA GLU D 172 -8.85 -31.59 -27.99
C GLU D 172 -9.70 -32.37 -27.01
N ALA D 173 -9.28 -32.32 -25.74
CA ALA D 173 -10.14 -32.62 -24.59
C ALA D 173 -11.61 -32.34 -24.82
N TYR D 174 -11.92 -31.08 -25.16
CA TYR D 174 -13.32 -30.63 -25.32
C TYR D 174 -13.91 -31.15 -26.61
N HIS D 175 -13.20 -30.89 -27.71
CA HIS D 175 -13.64 -31.24 -29.05
C HIS D 175 -14.31 -32.59 -29.09
N LEU D 176 -13.67 -33.58 -28.46
CA LEU D 176 -14.16 -34.96 -28.43
C LEU D 176 -15.54 -35.14 -27.73
N SER D 177 -15.87 -34.26 -26.78
CA SER D 177 -17.01 -34.48 -25.86
C SER D 177 -18.39 -34.43 -26.55
N VAL E 10 -16.62 -4.60 10.03
CA VAL E 10 -15.78 -3.57 9.30
C VAL E 10 -14.46 -4.18 8.79
N VAL E 11 -13.74 -3.46 7.93
CA VAL E 11 -12.79 -4.07 6.99
C VAL E 11 -11.47 -4.43 7.71
N THR E 12 -10.87 -5.54 7.31
CA THR E 12 -9.57 -5.97 7.86
C THR E 12 -8.42 -5.85 6.83
N PRO E 13 -7.73 -4.71 6.83
CA PRO E 13 -6.84 -4.35 5.74
C PRO E 13 -5.46 -5.04 5.79
N PHE E 14 -5.28 -5.84 6.84
CA PHE E 14 -4.05 -6.61 7.11
C PHE E 14 -4.23 -8.08 6.79
N SER E 15 -5.43 -8.41 6.32
CA SER E 15 -5.77 -9.75 5.94
C SER E 15 -4.82 -10.23 4.83
N ARG E 16 -4.35 -11.49 4.90
CA ARG E 16 -3.44 -12.04 3.85
C ARG E 16 -4.00 -13.30 3.22
N ASP E 17 -3.75 -13.50 1.93
CA ASP E 17 -3.98 -14.81 1.34
C ASP E 17 -2.64 -15.52 1.27
N ASP E 18 -2.61 -16.67 0.64
CA ASP E 18 -1.43 -17.53 0.70
C ASP E 18 -0.40 -17.16 -0.33
N ARG E 19 -0.62 -16.10 -1.09
CA ARG E 19 0.48 -15.42 -1.77
C ARG E 19 0.86 -14.08 -1.15
N GLY E 20 0.33 -13.82 0.03
CA GLY E 20 0.62 -12.58 0.73
C GLY E 20 0.03 -11.35 0.09
N HIS E 21 -1.17 -11.49 -0.47
CA HIS E 21 -1.93 -10.38 -1.02
C HIS E 21 -2.85 -9.84 0.07
N THR E 22 -2.55 -8.62 0.50
CA THR E 22 -3.49 -7.78 1.24
C THR E 22 -4.65 -7.35 0.32
N PRO E 23 -5.77 -6.90 0.90
CA PRO E 23 -6.78 -6.16 0.14
C PRO E 23 -6.21 -4.98 -0.63
N LEU E 24 -5.21 -4.31 -0.09
CA LEU E 24 -4.63 -3.18 -0.81
C LEU E 24 -3.91 -3.59 -2.08
N HIS E 25 -3.31 -4.78 -2.10
CA HIS E 25 -2.78 -5.39 -3.33
C HIS E 25 -3.88 -5.63 -4.35
N VAL E 26 -5.02 -6.11 -3.87
CA VAL E 26 -6.14 -6.43 -4.75
C VAL E 26 -6.75 -5.16 -5.37
N ALA E 27 -7.05 -4.18 -4.54
CA ALA E 27 -7.42 -2.85 -5.01
C ALA E 27 -6.48 -2.27 -6.06
N ALA E 28 -5.19 -2.37 -5.84
CA ALA E 28 -4.22 -1.90 -6.81
C ALA E 28 -4.37 -2.58 -8.18
N VAL E 29 -4.49 -3.89 -8.21
CA VAL E 29 -4.46 -4.58 -9.48
C VAL E 29 -5.80 -4.46 -10.21
N CYS E 30 -6.86 -4.14 -9.48
CA CYS E 30 -8.16 -3.79 -10.04
C CYS E 30 -8.38 -2.31 -10.43
N GLY E 31 -7.48 -1.43 -10.04
CA GLY E 31 -7.64 -0.02 -10.33
C GLY E 31 -8.65 0.67 -9.44
N GLN E 32 -9.21 -0.02 -8.47
CA GLN E 32 -10.26 0.56 -7.64
C GLN E 32 -9.70 1.57 -6.62
N ALA E 33 -9.52 2.80 -7.08
CA ALA E 33 -8.86 3.86 -6.29
C ALA E 33 -9.63 4.36 -5.06
N SER E 34 -10.96 4.26 -5.03
CA SER E 34 -11.72 4.68 -3.84
C SER E 34 -11.57 3.67 -2.76
N LEU E 35 -11.44 2.41 -3.18
CA LEU E 35 -11.03 1.30 -2.31
C LEU E 35 -9.70 1.56 -1.62
N ILE E 36 -8.71 2.03 -2.39
CA ILE E 36 -7.39 2.35 -1.86
C ILE E 36 -7.53 3.42 -0.78
N ASP E 37 -8.25 4.49 -1.10
CA ASP E 37 -8.49 5.56 -0.14
C ASP E 37 -9.02 5.01 1.15
N LEU E 38 -10.02 4.15 1.03
CA LEU E 38 -10.68 3.57 2.19
C LEU E 38 -9.70 2.69 2.96
N LEU E 39 -9.00 1.84 2.23
CA LEU E 39 -8.14 0.87 2.89
C LEU E 39 -7.03 1.57 3.66
N VAL E 40 -6.42 2.57 3.02
CA VAL E 40 -5.37 3.33 3.66
C VAL E 40 -5.90 4.01 4.89
N SER E 41 -7.09 4.56 4.76
CA SER E 41 -7.77 5.20 5.87
C SER E 41 -8.05 4.26 7.02
N LYS E 42 -8.18 2.97 6.74
CA LYS E 42 -8.51 1.98 7.76
C LYS E 42 -7.28 1.23 8.33
N GLY E 43 -6.09 1.61 7.90
CA GLY E 43 -4.86 1.03 8.47
C GLY E 43 -3.89 0.44 7.46
N ALA E 44 -4.36 0.15 6.26
CA ALA E 44 -3.63 -0.72 5.35
C ALA E 44 -2.17 -0.34 5.23
N MET E 45 -1.32 -1.33 5.15
CA MET E 45 0.10 -1.10 4.98
C MET E 45 0.37 -0.90 3.53
N VAL E 46 0.85 0.28 3.24
CA VAL E 46 1.09 0.68 1.88
C VAL E 46 2.26 -0.06 1.20
N ASN E 47 3.34 -0.32 1.93
CA ASN E 47 4.49 -1.05 1.39
C ASN E 47 4.53 -2.47 1.77
N ALA E 48 3.36 -3.01 2.09
CA ALA E 48 3.18 -4.44 2.22
C ALA E 48 3.73 -5.15 1.00
N THR E 49 4.47 -6.22 1.24
CA THR E 49 5.10 -7.00 0.19
C THR E 49 4.42 -8.36 0.16
N ASP E 50 4.10 -8.81 -1.05
CA ASP E 50 3.51 -10.12 -1.27
C ASP E 50 4.59 -11.17 -1.30
N TYR E 51 4.20 -12.41 -1.50
CA TYR E 51 5.14 -13.53 -1.39
C TYR E 51 6.36 -13.44 -2.31
N HIS E 52 6.30 -12.67 -3.39
CA HIS E 52 7.47 -12.53 -4.23
C HIS E 52 7.97 -11.10 -4.27
N GLY E 53 7.68 -10.36 -3.21
CA GLY E 53 8.41 -9.14 -2.93
C GLY E 53 7.77 -7.91 -3.54
N ALA E 54 6.53 -8.09 -4.01
CA ALA E 54 5.83 -7.14 -4.83
C ALA E 54 4.90 -6.29 -3.99
N THR E 55 5.05 -4.99 -4.17
CA THR E 55 4.35 -3.95 -3.42
C THR E 55 3.02 -3.69 -4.18
N PRO E 56 2.02 -3.05 -3.58
CA PRO E 56 0.88 -2.73 -4.45
C PRO E 56 1.21 -1.74 -5.55
N LEU E 57 2.09 -0.79 -5.26
CA LEU E 57 2.73 0.04 -6.31
C LEU E 57 3.31 -0.77 -7.48
N HIS E 58 3.93 -1.92 -7.21
CA HIS E 58 4.46 -2.81 -8.27
C HIS E 58 3.34 -3.32 -9.16
N LEU E 59 2.23 -3.67 -8.54
CA LEU E 59 1.07 -4.14 -9.27
C LEU E 59 0.45 -3.03 -10.13
N ALA E 60 0.15 -1.88 -9.55
CA ALA E 60 -0.16 -0.69 -10.34
C ALA E 60 0.80 -0.40 -11.49
N CYS E 61 2.10 -0.50 -11.28
CA CYS E 61 3.03 -0.12 -12.35
C CYS E 61 3.20 -1.16 -13.41
N GLN E 62 2.65 -2.35 -13.20
CA GLN E 62 2.69 -3.41 -14.20
C GLN E 62 1.44 -3.50 -15.03
N LYS E 63 0.29 -3.39 -14.35
CA LYS E 63 -0.98 -3.06 -14.98
C LYS E 63 -1.02 -1.68 -15.67
N GLY E 64 -0.04 -0.82 -15.43
CA GLY E 64 -0.07 0.55 -15.94
C GLY E 64 -1.14 1.51 -15.46
N TYR E 65 -1.71 1.34 -14.29
CA TYR E 65 -2.68 2.32 -13.77
C TYR E 65 -2.01 3.55 -13.18
N GLN E 66 -1.84 4.60 -13.98
CA GLN E 66 -1.24 5.84 -13.51
C GLN E 66 -1.98 6.48 -12.34
N SER E 67 -3.30 6.52 -12.45
CA SER E 67 -4.17 6.98 -11.36
C SER E 67 -3.73 6.37 -10.03
N VAL E 68 -3.71 5.05 -10.00
CA VAL E 68 -3.40 4.32 -8.78
C VAL E 68 -1.93 4.56 -8.39
N THR E 69 -1.01 4.45 -9.34
CA THR E 69 0.40 4.65 -9.00
C THR E 69 0.59 6.00 -8.28
N LEU E 70 -0.03 7.07 -8.75
CA LEU E 70 0.11 8.36 -8.06
C LEU E 70 -0.56 8.37 -6.70
N LEU E 71 -1.75 7.81 -6.62
CA LEU E 71 -2.46 7.75 -5.34
C LEU E 71 -1.66 6.99 -4.28
N LEU E 72 -0.92 5.98 -4.71
CA LEU E 72 -0.09 5.24 -3.78
C LEU E 72 1.06 6.12 -3.34
N LEU E 73 1.71 6.78 -4.28
CA LEU E 73 2.86 7.64 -3.96
C LEU E 73 2.48 8.77 -3.03
N HIS E 74 1.27 9.25 -3.25
CA HIS E 74 0.63 10.22 -2.39
C HIS E 74 0.50 9.72 -0.96
N TYR E 75 -0.02 8.52 -0.81
CA TYR E 75 -0.05 7.82 0.49
C TYR E 75 1.27 7.16 0.86
N LYS E 76 2.36 7.69 0.31
CA LYS E 76 3.73 7.56 0.84
C LYS E 76 4.31 6.18 0.53
N ALA E 77 3.85 5.54 -0.53
CA ALA E 77 4.51 4.34 -1.03
C ALA E 77 5.96 4.61 -1.38
N SER E 78 6.77 3.59 -1.23
CA SER E 78 8.14 3.65 -1.64
C SER E 78 8.33 3.02 -3.01
N ALA E 79 9.11 3.74 -3.82
CA ALA E 79 9.37 3.36 -5.19
C ALA E 79 10.64 2.56 -5.33
N GLU E 80 11.39 2.44 -4.24
CA GLU E 80 12.70 1.80 -4.31
C GLU E 80 12.65 0.36 -3.82
N VAL E 81 11.48 -0.11 -3.40
CA VAL E 81 11.30 -1.55 -3.04
C VAL E 81 11.61 -2.52 -4.20
N GLN E 82 12.35 -3.60 -3.93
CA GLN E 82 12.66 -4.63 -4.97
C GLN E 82 11.98 -6.01 -4.79
N ASP E 83 11.41 -6.52 -5.87
CA ASP E 83 10.76 -7.83 -5.84
C ASP E 83 11.83 -8.89 -5.87
N ASN E 84 11.42 -10.15 -5.78
CA ASN E 84 12.34 -11.28 -6.04
C ASN E 84 13.28 -11.15 -7.25
N ASN E 85 12.96 -10.36 -8.25
CA ASN E 85 13.84 -10.22 -9.41
C ASN E 85 14.69 -8.99 -9.41
N GLY E 86 14.66 -8.28 -8.28
CA GLY E 86 15.41 -7.04 -8.11
C GLY E 86 14.79 -5.84 -8.77
N ASN E 87 13.51 -5.94 -9.14
CA ASN E 87 12.84 -4.86 -9.82
C ASN E 87 12.10 -3.92 -8.87
N THR E 88 12.37 -2.63 -9.02
CA THR E 88 11.48 -1.60 -8.53
C THR E 88 10.25 -1.49 -9.40
N PRO E 89 9.20 -0.80 -8.90
CA PRO E 89 8.05 -0.51 -9.75
C PRO E 89 8.40 0.21 -11.06
N LEU E 90 9.38 1.10 -11.00
CA LEU E 90 9.90 1.74 -12.21
C LEU E 90 10.46 0.77 -13.24
N HIS E 91 11.16 -0.26 -12.81
CA HIS E 91 11.59 -1.33 -13.73
C HIS E 91 10.38 -1.98 -14.39
N LEU E 92 9.35 -2.25 -13.61
CA LEU E 92 8.19 -2.95 -14.13
C LEU E 92 7.44 -2.07 -15.13
N ALA E 93 7.35 -0.79 -14.84
CA ALA E 93 6.76 0.11 -15.81
C ALA E 93 7.62 0.28 -17.07
N CYS E 94 8.92 0.22 -16.94
CA CYS E 94 9.80 0.19 -18.11
C CYS E 94 9.74 -1.07 -18.95
N THR E 95 9.45 -2.23 -18.34
CA THR E 95 9.44 -3.49 -19.08
C THR E 95 8.15 -3.64 -19.89
N TYR E 96 7.06 -3.07 -19.36
CA TYR E 96 5.78 -3.12 -20.04
C TYR E 96 5.41 -1.79 -20.69
N GLY E 97 6.37 -0.90 -20.85
CA GLY E 97 6.19 0.34 -21.61
C GLY E 97 5.22 1.39 -21.12
N HIS E 98 4.69 1.33 -19.90
CA HIS E 98 3.70 2.36 -19.51
C HIS E 98 4.38 3.71 -19.18
N GLU E 99 4.62 4.53 -20.20
CA GLU E 99 5.30 5.80 -19.95
C GLU E 99 4.49 6.72 -19.05
N ASP E 100 3.16 6.60 -19.02
CA ASP E 100 2.34 7.43 -18.11
C ASP E 100 2.70 7.16 -16.65
N CYS E 101 3.00 5.91 -16.36
CA CYS E 101 3.41 5.48 -15.02
C CYS E 101 4.87 5.81 -14.78
N VAL E 102 5.72 5.47 -15.73
CA VAL E 102 7.12 5.84 -15.68
C VAL E 102 7.25 7.32 -15.29
N LYS E 103 6.46 8.17 -15.94
CA LYS E 103 6.54 9.60 -15.68
C LYS E 103 6.12 9.91 -14.24
N ALA E 104 4.98 9.37 -13.83
CA ALA E 104 4.50 9.64 -12.47
C ALA E 104 5.62 9.38 -11.46
N LEU E 105 6.33 8.28 -11.67
CA LEU E 105 7.39 7.87 -10.75
C LEU E 105 8.56 8.86 -10.81
N VAL E 106 8.98 9.16 -12.03
CA VAL E 106 10.13 10.02 -12.23
C VAL E 106 9.86 11.43 -11.71
N TYR E 107 8.61 11.91 -11.84
CA TYR E 107 8.31 13.28 -11.47
C TYR E 107 7.58 13.46 -10.11
N TYR E 108 7.11 12.40 -9.45
CA TYR E 108 6.31 12.60 -8.23
C TYR E 108 7.06 13.50 -7.25
N ASP E 109 8.35 13.25 -7.08
CA ASP E 109 9.02 13.60 -5.82
C ASP E 109 9.98 14.78 -5.78
N VAL E 110 10.23 15.46 -6.89
CA VAL E 110 10.85 16.83 -6.83
C VAL E 110 12.33 16.84 -6.39
N GLU E 111 12.75 15.81 -5.67
CA GLU E 111 14.16 15.43 -5.60
C GLU E 111 14.25 14.59 -6.84
N SER E 112 14.98 13.49 -6.78
CA SER E 112 14.97 12.57 -7.87
C SER E 112 13.94 11.50 -7.56
N CYS E 113 14.44 10.37 -7.04
CA CYS E 113 14.08 9.03 -7.47
C CYS E 113 15.30 8.61 -8.26
N ARG E 114 15.74 7.39 -8.04
CA ARG E 114 17.01 6.99 -8.55
C ARG E 114 16.79 6.16 -9.79
N LEU E 115 17.60 6.39 -10.79
CA LEU E 115 17.52 5.69 -12.04
C LEU E 115 18.69 4.72 -12.19
N ASP E 116 19.56 4.64 -11.17
CA ASP E 116 20.77 3.79 -11.24
C ASP E 116 20.55 2.42 -10.58
N ILE E 117 19.34 2.16 -10.07
CA ILE E 117 19.09 0.93 -9.34
C ILE E 117 19.07 -0.24 -10.30
N GLY E 118 19.91 -1.23 -10.03
CA GLY E 118 19.98 -2.42 -10.90
C GLY E 118 19.17 -3.58 -10.36
N ASN E 119 18.53 -4.32 -11.24
CA ASN E 119 17.79 -5.49 -10.81
C ASN E 119 18.72 -6.70 -10.73
N GLU E 120 18.18 -7.91 -10.65
CA GLU E 120 19.00 -9.12 -10.60
C GLU E 120 19.98 -9.21 -11.76
N LYS E 121 19.53 -8.82 -12.96
CA LYS E 121 20.38 -8.94 -14.15
C LYS E 121 21.33 -7.74 -14.26
N GLY E 122 21.30 -6.85 -13.26
CA GLY E 122 22.12 -5.61 -13.27
C GLY E 122 21.53 -4.51 -14.13
N ASP E 123 20.37 -4.77 -14.72
CA ASP E 123 19.66 -3.81 -15.56
C ASP E 123 19.07 -2.69 -14.72
N THR E 124 19.53 -1.47 -15.01
CA THR E 124 18.77 -0.23 -14.74
C THR E 124 17.51 -0.09 -15.61
N PRO E 125 16.58 0.78 -15.19
CA PRO E 125 15.42 1.05 -16.03
C PRO E 125 15.73 1.39 -17.50
N LEU E 126 16.80 2.15 -17.75
CA LEU E 126 17.14 2.57 -19.11
C LEU E 126 17.56 1.39 -20.01
N HIS E 127 18.27 0.42 -19.43
CA HIS E 127 18.54 -0.86 -20.11
C HIS E 127 17.24 -1.50 -20.57
N ILE E 128 16.29 -1.61 -19.66
CA ILE E 128 15.05 -2.34 -19.93
C ILE E 128 14.28 -1.61 -21.02
N ALA E 129 14.32 -0.28 -20.97
CA ALA E 129 13.61 0.55 -21.91
C ALA E 129 14.23 0.45 -23.30
N ALA E 130 15.55 0.54 -23.37
CA ALA E 130 16.27 0.25 -24.61
C ALA E 130 15.94 -1.16 -25.16
N ARG E 131 16.04 -2.20 -24.32
CA ARG E 131 15.76 -3.57 -24.74
C ARG E 131 14.46 -3.66 -25.52
N TRP E 132 13.34 -3.31 -24.90
CA TRP E 132 12.04 -3.45 -25.57
C TRP E 132 11.71 -2.27 -26.50
N GLY E 133 12.61 -1.27 -26.55
CA GLY E 133 12.54 -0.21 -27.56
C GLY E 133 11.53 0.91 -27.34
N TYR E 134 11.10 1.15 -26.10
CA TYR E 134 10.06 2.15 -25.81
C TYR E 134 10.59 3.58 -25.80
N GLN E 135 10.27 4.34 -26.83
CA GLN E 135 11.06 5.52 -27.12
C GLN E 135 10.75 6.63 -26.14
N GLY E 136 9.47 6.78 -25.84
CA GLY E 136 8.97 7.87 -25.00
C GLY E 136 9.49 7.72 -23.59
N VAL E 137 9.35 6.51 -23.08
CA VAL E 137 10.05 6.08 -21.87
C VAL E 137 11.51 6.47 -21.91
N ILE E 138 12.23 5.95 -22.91
CA ILE E 138 13.69 6.16 -23.00
C ILE E 138 14.02 7.66 -22.87
N GLU E 139 13.29 8.47 -23.63
CA GLU E 139 13.49 9.89 -23.57
C GLU E 139 13.26 10.41 -22.15
N THR E 140 12.09 10.15 -21.58
CA THR E 140 11.73 10.68 -20.25
C THR E 140 12.87 10.42 -19.27
N LEU E 141 13.45 9.22 -19.36
CA LEU E 141 14.53 8.81 -18.46
C LEU E 141 15.78 9.60 -18.70
N LEU E 142 16.12 9.76 -19.98
CA LEU E 142 17.31 10.54 -20.36
C LEU E 142 17.18 11.99 -19.97
N GLN E 143 16.03 12.58 -20.26
CA GLN E 143 15.75 13.94 -19.79
C GLN E 143 15.94 14.17 -18.29
N ASN E 144 15.76 13.13 -17.48
CA ASN E 144 15.87 13.29 -16.04
C ASN E 144 17.16 12.66 -15.49
N GLY E 145 18.12 12.42 -16.38
CA GLY E 145 19.51 12.16 -15.97
C GLY E 145 20.01 10.74 -16.17
N ALA E 146 19.20 9.89 -16.76
CA ALA E 146 19.55 8.47 -16.84
C ALA E 146 20.92 8.26 -17.48
N SER E 147 21.85 7.70 -16.72
CA SER E 147 23.18 7.35 -17.23
C SER E 147 23.15 6.37 -18.41
N THR E 148 24.11 6.54 -19.30
CA THR E 148 24.17 5.77 -20.55
C THR E 148 25.35 4.82 -20.58
N GLU E 149 26.12 4.83 -19.51
CA GLU E 149 27.34 4.03 -19.41
C GLU E 149 27.12 2.84 -18.50
N ILE E 150 26.69 3.12 -17.26
CA ILE E 150 26.28 2.12 -16.25
C ILE E 150 25.93 0.76 -16.83
N GLN E 151 26.56 -0.27 -16.29
CA GLN E 151 26.83 -1.47 -17.05
C GLN E 151 26.17 -2.68 -16.41
N ASN E 152 25.32 -3.38 -17.15
CA ASN E 152 24.55 -4.44 -16.53
C ASN E 152 25.49 -5.61 -16.21
N ARG E 153 24.96 -6.67 -15.61
CA ARG E 153 25.81 -7.79 -15.16
C ARG E 153 26.60 -8.42 -16.30
N LEU E 154 25.92 -8.72 -17.40
CA LEU E 154 26.57 -9.18 -18.63
C LEU E 154 27.49 -8.12 -19.30
N LYS E 155 27.89 -7.08 -18.55
CA LYS E 155 28.81 -6.05 -19.01
C LYS E 155 28.26 -5.18 -20.15
N GLU E 156 26.94 -5.21 -20.37
CA GLU E 156 26.31 -4.35 -21.36
C GLU E 156 25.99 -2.97 -20.78
N THR E 157 26.09 -1.94 -21.63
CA THR E 157 25.54 -0.61 -21.34
C THR E 157 24.10 -0.51 -21.86
N PRO E 158 23.38 0.57 -21.51
CA PRO E 158 22.07 0.79 -22.13
C PRO E 158 22.07 0.94 -23.67
N LEU E 159 23.20 1.37 -24.24
CA LEU E 159 23.33 1.60 -25.70
C LEU E 159 23.39 0.26 -26.41
N LYS E 160 24.35 -0.55 -25.98
CA LYS E 160 24.39 -1.98 -26.25
C LYS E 160 23.02 -2.67 -26.26
N CYS E 161 22.15 -2.32 -25.32
CA CYS E 161 20.87 -3.00 -25.19
C CYS E 161 19.82 -2.50 -26.19
N ALA E 162 20.08 -1.38 -26.85
CA ALA E 162 19.09 -0.73 -27.74
C ALA E 162 18.58 -1.70 -28.76
N LEU E 163 17.30 -1.59 -29.08
CA LEU E 163 16.68 -2.49 -30.05
C LEU E 163 17.33 -2.33 -31.45
N ASN E 164 17.23 -1.13 -32.02
CA ASN E 164 17.65 -0.89 -33.40
C ASN E 164 18.58 0.29 -33.48
N SER E 165 19.04 0.57 -34.69
CA SER E 165 19.88 1.74 -34.94
C SER E 165 19.11 3.05 -34.67
N LYS E 166 17.79 3.02 -34.88
CA LYS E 166 16.94 4.18 -34.56
C LYS E 166 17.02 4.53 -33.08
N ILE E 167 16.68 3.56 -32.23
CA ILE E 167 16.65 3.83 -30.79
C ILE E 167 18.06 4.20 -30.35
N LEU E 168 19.04 3.41 -30.78
CA LEU E 168 20.45 3.65 -30.45
C LEU E 168 20.79 5.13 -30.59
N SER E 169 20.44 5.71 -31.74
CA SER E 169 20.82 7.08 -32.05
C SER E 169 20.08 8.10 -31.17
N VAL E 170 18.80 7.80 -30.86
CA VAL E 170 18.00 8.62 -29.91
C VAL E 170 18.74 8.80 -28.59
N MET E 171 19.41 7.73 -28.15
CA MET E 171 20.16 7.72 -26.88
C MET E 171 21.50 8.43 -27.01
N GLU E 172 22.11 8.29 -28.19
CA GLU E 172 23.42 8.89 -28.47
C GLU E 172 23.33 10.43 -28.57
N ALA E 173 22.25 10.89 -29.22
CA ALA E 173 21.76 12.28 -29.09
C ALA E 173 22.11 12.92 -27.75
N TYR E 174 21.66 12.28 -26.68
CA TYR E 174 21.85 12.83 -25.34
C TYR E 174 23.32 12.81 -24.92
N HIS E 175 24.03 11.72 -25.22
CA HIS E 175 25.34 11.47 -24.60
C HIS E 175 26.51 11.87 -25.51
N VAL F 11 25.49 -10.25 -3.70
CA VAL F 11 24.78 -9.90 -2.42
C VAL F 11 23.35 -9.36 -2.76
N THR F 12 22.34 -10.24 -2.67
CA THR F 12 20.95 -9.91 -3.08
C THR F 12 19.90 -10.00 -1.90
N PRO F 13 19.75 -8.90 -1.14
CA PRO F 13 19.01 -8.90 0.13
C PRO F 13 17.46 -8.81 -0.09
N PHE F 14 17.10 -8.81 -1.38
CA PHE F 14 15.70 -8.74 -1.86
C PHE F 14 15.20 -10.07 -2.42
N SER F 15 16.06 -11.06 -2.33
CA SER F 15 15.73 -12.41 -2.73
C SER F 15 14.56 -12.98 -1.93
N ARG F 16 13.62 -13.66 -2.58
CA ARG F 16 12.40 -14.20 -1.88
C ARG F 16 12.25 -15.68 -2.09
N ASP F 17 11.74 -16.40 -1.09
CA ASP F 17 11.25 -17.76 -1.34
C ASP F 17 9.75 -17.74 -1.50
N ASP F 18 9.14 -18.90 -1.55
CA ASP F 18 7.73 -18.98 -1.90
C ASP F 18 6.84 -18.80 -0.68
N ARG F 19 7.39 -18.50 0.48
CA ARG F 19 6.63 -17.85 1.56
C ARG F 19 6.98 -16.39 1.79
N GLY F 20 7.70 -15.81 0.85
CA GLY F 20 8.06 -14.42 0.93
C GLY F 20 9.04 -14.13 2.03
N HIS F 21 9.96 -15.06 2.27
CA HIS F 21 11.06 -14.86 3.22
C HIS F 21 12.27 -14.27 2.52
N THR F 22 12.59 -13.02 2.87
CA THR F 22 13.88 -12.42 2.55
C THR F 22 14.95 -13.08 3.38
N PRO F 23 16.23 -12.93 3.00
CA PRO F 23 17.34 -13.25 3.89
C PRO F 23 17.21 -12.57 5.26
N LEU F 24 16.68 -11.36 5.29
CA LEU F 24 16.57 -10.68 6.55
C LEU F 24 15.58 -11.35 7.50
N HIS F 25 14.54 -11.97 6.95
CA HIS F 25 13.62 -12.79 7.72
C HIS F 25 14.34 -13.99 8.31
N VAL F 26 15.21 -14.58 7.52
CA VAL F 26 15.92 -15.76 7.93
C VAL F 26 16.87 -15.39 9.08
N ALA F 27 17.70 -14.36 8.86
CA ALA F 27 18.58 -13.82 9.91
C ALA F 27 17.85 -13.55 11.21
N ALA F 28 16.68 -12.96 11.14
CA ALA F 28 15.86 -12.75 12.34
C ALA F 28 15.47 -14.02 13.08
N VAL F 29 14.98 -15.04 12.40
CA VAL F 29 14.54 -16.25 13.12
C VAL F 29 15.69 -17.08 13.63
N CYS F 30 16.85 -16.93 13.04
CA CYS F 30 18.06 -17.58 13.52
C CYS F 30 18.69 -16.88 14.74
N GLY F 31 18.48 -15.56 14.86
CA GLY F 31 19.21 -14.74 15.83
C GLY F 31 20.51 -14.17 15.33
N GLN F 32 20.83 -14.38 14.05
CA GLN F 32 22.14 -14.00 13.54
C GLN F 32 22.25 -12.48 13.31
N ALA F 33 22.56 -11.75 14.39
CA ALA F 33 22.56 -10.29 14.39
C ALA F 33 23.64 -9.62 13.54
N SER F 34 24.77 -10.28 13.30
CA SER F 34 25.81 -9.67 12.43
C SER F 34 25.40 -9.74 11.00
N LEU F 35 24.67 -10.82 10.69
CA LEU F 35 23.97 -11.00 9.42
C LEU F 35 22.97 -9.87 9.14
N ILE F 36 22.20 -9.52 10.16
CA ILE F 36 21.28 -8.39 10.05
C ILE F 36 22.01 -7.11 9.70
N ASP F 37 23.06 -6.82 10.47
CA ASP F 37 23.88 -5.63 10.24
C ASP F 37 24.32 -5.57 8.79
N LEU F 38 24.82 -6.69 8.31
CA LEU F 38 25.32 -6.81 6.96
C LEU F 38 24.18 -6.61 5.95
N LEU F 39 23.08 -7.32 6.17
CA LEU F 39 21.99 -7.29 5.21
C LEU F 39 21.41 -5.88 5.09
N VAL F 40 21.20 -5.23 6.24
CA VAL F 40 20.67 -3.87 6.26
C VAL F 40 21.62 -2.96 5.54
N SER F 41 22.90 -3.15 5.79
CA SER F 41 23.95 -2.38 5.16
C SER F 41 23.95 -2.55 3.66
N LYS F 42 23.46 -3.69 3.18
CA LYS F 42 23.48 -3.99 1.75
C LYS F 42 22.17 -3.66 1.03
N GLY F 43 21.20 -3.09 1.74
CA GLY F 43 19.94 -2.68 1.11
C GLY F 43 18.68 -3.24 1.71
N ALA F 44 18.80 -4.32 2.47
CA ALA F 44 17.64 -5.13 2.83
C ALA F 44 16.48 -4.26 3.29
N MET F 45 15.28 -4.65 2.91
CA MET F 45 14.11 -3.97 3.39
C MET F 45 13.75 -4.47 4.78
N VAL F 46 13.79 -3.55 5.73
CA VAL F 46 13.55 -3.90 7.12
C VAL F 46 12.12 -4.29 7.42
N ASN F 47 11.16 -3.63 6.79
CA ASN F 47 9.75 -3.94 7.01
C ASN F 47 9.14 -4.73 5.90
N ALA F 48 10.00 -5.45 5.20
CA ALA F 48 9.55 -6.52 4.33
C ALA F 48 8.57 -7.44 5.06
N THR F 49 7.47 -7.78 4.39
CA THR F 49 6.44 -8.66 4.94
C THR F 49 6.46 -9.98 4.18
N ASP F 50 6.41 -11.07 4.93
CA ASP F 50 6.32 -12.39 4.35
C ASP F 50 4.86 -12.70 3.98
N TYR F 51 4.64 -13.90 3.44
CA TYR F 51 3.33 -14.24 2.89
C TYR F 51 2.17 -14.10 3.86
N HIS F 52 2.43 -14.13 5.16
CA HIS F 52 1.34 -13.96 6.12
C HIS F 52 1.55 -12.75 6.97
N GLY F 53 2.24 -11.77 6.42
CA GLY F 53 2.12 -10.38 6.90
C GLY F 53 3.13 -10.08 7.97
N ALA F 54 4.08 -11.01 8.10
CA ALA F 54 5.01 -11.05 9.20
C ALA F 54 6.35 -10.40 8.82
N THR F 55 6.76 -9.48 9.67
CA THR F 55 7.92 -8.63 9.50
C THR F 55 9.08 -9.42 10.12
N PRO F 56 10.34 -9.08 9.83
CA PRO F 56 11.37 -9.82 10.59
C PRO F 56 11.34 -9.55 12.08
N LEU F 57 11.00 -8.32 12.47
CA LEU F 57 10.63 -8.01 13.85
C LEU F 57 9.61 -8.94 14.46
N HIS F 58 8.61 -9.36 13.70
CA HIS F 58 7.59 -10.32 14.18
C HIS F 58 8.27 -11.63 14.53
N LEU F 59 9.20 -12.03 13.68
CA LEU F 59 9.87 -13.28 13.88
C LEU F 59 10.76 -13.24 15.11
N ALA F 60 11.63 -12.25 15.20
CA ALA F 60 12.33 -12.00 16.44
C ALA F 60 11.42 -11.99 17.67
N CYS F 61 10.27 -11.34 17.61
CA CYS F 61 9.46 -11.22 18.85
C CYS F 61 8.70 -12.46 19.22
N GLN F 62 8.69 -13.44 18.32
CA GLN F 62 8.02 -14.71 18.57
C GLN F 62 8.98 -15.79 19.04
N LYS F 63 10.13 -15.85 18.39
CA LYS F 63 11.31 -16.53 18.93
C LYS F 63 11.83 -15.96 20.26
N GLY F 64 11.37 -14.78 20.65
CA GLY F 64 11.94 -14.08 21.81
C GLY F 64 13.38 -13.60 21.78
N TYR F 65 13.97 -13.33 20.63
CA TYR F 65 15.33 -12.76 20.59
C TYR F 65 15.35 -11.27 20.86
N GLN F 66 15.57 -10.89 22.11
CA GLN F 66 15.68 -9.47 22.46
C GLN F 66 16.79 -8.69 21.72
N SER F 67 17.97 -9.31 21.66
CA SER F 67 19.07 -8.76 20.90
C SER F 67 18.60 -8.26 19.53
N VAL F 68 18.00 -9.17 18.77
CA VAL F 68 17.59 -8.90 17.40
C VAL F 68 16.45 -7.91 17.38
N THR F 69 15.46 -8.10 18.23
CA THR F 69 14.39 -7.14 18.32
C THR F 69 14.90 -5.72 18.43
N LEU F 70 15.85 -5.47 19.33
CA LEU F 70 16.39 -4.10 19.49
C LEU F 70 17.17 -3.64 18.28
N LEU F 71 18.00 -4.52 17.74
CA LEU F 71 18.74 -4.17 16.56
C LEU F 71 17.84 -3.80 15.38
N LEU F 72 16.68 -4.44 15.28
CA LEU F 72 15.77 -4.13 14.20
C LEU F 72 15.19 -2.76 14.47
N LEU F 73 14.75 -2.51 15.70
CA LEU F 73 14.16 -1.20 16.06
C LEU F 73 15.13 -0.04 15.86
N HIS F 74 16.39 -0.35 16.12
CA HIS F 74 17.48 0.52 15.84
C HIS F 74 17.52 0.87 14.37
N TYR F 75 17.51 -0.15 13.52
CA TYR F 75 17.46 0.04 12.06
C TYR F 75 16.04 0.34 11.56
N LYS F 76 15.22 0.89 12.44
CA LYS F 76 14.03 1.66 12.09
C LYS F 76 12.91 0.77 11.65
N ALA F 77 12.90 -0.45 12.13
CA ALA F 77 11.72 -1.30 12.00
C ALA F 77 10.50 -0.65 12.62
N SER F 78 9.36 -0.94 12.03
CA SER F 78 8.12 -0.50 12.60
C SER F 78 7.45 -1.61 13.43
N ALA F 79 6.98 -1.18 14.59
CA ALA F 79 6.39 -2.05 15.60
C ALA F 79 4.90 -2.11 15.44
N GLU F 80 4.36 -1.30 14.56
CA GLU F 80 2.92 -1.21 14.42
C GLU F 80 2.41 -2.06 13.25
N VAL F 81 3.31 -2.70 12.50
CA VAL F 81 2.89 -3.59 11.39
C VAL F 81 2.04 -4.76 11.87
N GLN F 82 0.96 -5.07 11.15
CA GLN F 82 0.08 -6.21 11.50
C GLN F 82 0.10 -7.43 10.55
N ASP F 83 0.23 -8.63 11.13
CA ASP F 83 0.21 -9.86 10.32
C ASP F 83 -1.21 -10.19 9.93
N ASN F 84 -1.38 -11.26 9.15
CA ASN F 84 -2.71 -11.81 8.87
C ASN F 84 -3.69 -11.86 10.05
N ASN F 85 -3.21 -11.94 11.26
CA ASN F 85 -4.10 -12.04 12.39
C ASN F 85 -4.28 -10.75 13.15
N GLY F 86 -3.73 -9.68 12.57
CA GLY F 86 -3.86 -8.34 13.15
C GLY F 86 -2.89 -8.10 14.28
N ASN F 87 -1.88 -8.97 14.37
CA ASN F 87 -0.92 -8.87 15.44
C ASN F 87 0.29 -8.05 15.08
N THR F 88 0.58 -7.08 15.93
CA THR F 88 1.89 -6.46 15.96
C THR F 88 2.90 -7.39 16.58
N PRO F 89 4.20 -7.10 16.42
CA PRO F 89 5.22 -7.87 17.13
C PRO F 89 5.03 -7.91 18.65
N LEU F 90 4.58 -6.78 19.21
CA LEU F 90 4.23 -6.73 20.64
C LEU F 90 3.15 -7.73 21.04
N HIS F 91 2.13 -7.91 20.21
CA HIS F 91 1.16 -8.98 20.47
C HIS F 91 1.82 -10.34 20.51
N LEU F 92 2.75 -10.57 19.59
CA LEU F 92 3.38 -11.88 19.49
C LEU F 92 4.28 -12.14 20.69
N ALA F 93 4.97 -11.12 21.13
CA ALA F 93 5.77 -11.26 22.34
C ALA F 93 4.88 -11.45 23.58
N CYS F 94 3.71 -10.84 23.60
CA CYS F 94 2.75 -11.07 24.67
C CYS F 94 2.10 -12.45 24.64
N THR F 95 1.93 -13.05 23.48
CA THR F 95 1.25 -14.35 23.44
C THR F 95 2.22 -15.46 23.88
N TYR F 96 3.52 -15.27 23.62
CA TYR F 96 4.52 -16.27 23.98
C TYR F 96 5.31 -15.85 25.22
N GLY F 97 4.81 -14.87 25.94
CA GLY F 97 5.43 -14.46 27.20
C GLY F 97 6.86 -13.90 27.25
N HIS F 98 7.49 -13.52 26.13
CA HIS F 98 8.88 -13.00 26.22
C HIS F 98 8.94 -11.55 26.76
N GLU F 99 8.94 -11.43 28.08
CA GLU F 99 8.94 -10.15 28.74
C GLU F 99 10.18 -9.33 28.36
N ASP F 100 11.30 -9.99 28.07
CA ASP F 100 12.52 -9.25 27.66
C ASP F 100 12.29 -8.48 26.37
N CYS F 101 11.51 -9.08 25.48
CA CYS F 101 11.17 -8.49 24.19
C CYS F 101 10.08 -7.47 24.35
N VAL F 102 9.03 -7.87 25.07
CA VAL F 102 7.96 -6.93 25.40
C VAL F 102 8.55 -5.62 25.92
N LYS F 103 9.53 -5.72 26.81
CA LYS F 103 10.13 -4.52 27.38
C LYS F 103 10.89 -3.72 26.33
N ALA F 104 11.73 -4.37 25.54
CA ALA F 104 12.44 -3.68 24.47
C ALA F 104 11.47 -2.80 23.65
N LEU F 105 10.33 -3.36 23.30
CA LEU F 105 9.36 -2.69 22.45
C LEU F 105 8.77 -1.51 23.21
N VAL F 106 8.37 -1.76 24.46
CA VAL F 106 7.72 -0.72 25.27
C VAL F 106 8.70 0.43 25.59
N TYR F 107 9.98 0.11 25.80
CA TYR F 107 10.96 1.10 26.23
C TYR F 107 11.87 1.60 25.11
N TYR F 108 11.87 1.02 23.91
CA TYR F 108 12.80 1.51 22.89
C TYR F 108 12.65 3.04 22.77
N ASP F 109 11.41 3.51 22.89
CA ASP F 109 11.00 4.89 22.68
C ASP F 109 9.52 4.86 23.10
N VAL F 110 9.18 5.50 24.21
CA VAL F 110 7.95 5.16 24.91
C VAL F 110 6.77 5.86 24.30
N GLU F 111 7.01 7.06 23.79
CA GLU F 111 6.01 8.07 23.69
C GLU F 111 5.33 7.91 22.33
N SER F 112 6.04 7.29 21.38
CA SER F 112 5.45 6.52 20.28
C SER F 112 4.62 5.37 20.85
N CYS F 113 5.31 4.37 21.39
CA CYS F 113 4.81 3.01 21.51
C CYS F 113 3.35 2.91 21.96
N ARG F 114 2.48 2.28 21.17
CA ARG F 114 1.06 2.23 21.46
C ARG F 114 0.64 0.87 21.94
N LEU F 115 -0.20 0.87 22.96
CA LEU F 115 -0.67 -0.34 23.60
C LEU F 115 -2.16 -0.57 23.37
N ASP F 116 -2.78 0.31 22.60
CA ASP F 116 -4.23 0.21 22.34
C ASP F 116 -4.55 -0.55 21.04
N ILE F 117 -3.53 -1.02 20.31
CA ILE F 117 -3.76 -1.60 19.00
C ILE F 117 -4.42 -2.97 19.14
N GLY F 118 -5.56 -3.15 18.48
CA GLY F 118 -6.30 -4.40 18.58
C GLY F 118 -5.98 -5.29 17.42
N ASN F 119 -5.88 -6.58 17.66
CA ASN F 119 -5.70 -7.54 16.55
C ASN F 119 -7.07 -7.90 15.95
N GLU F 120 -7.11 -8.95 15.12
CA GLU F 120 -8.37 -9.36 14.48
C GLU F 120 -9.44 -9.65 15.53
N LYS F 121 -9.08 -10.23 16.68
CA LYS F 121 -10.07 -10.54 17.71
C LYS F 121 -10.40 -9.35 18.59
N GLY F 122 -9.82 -8.19 18.27
CA GLY F 122 -9.98 -6.96 19.08
C GLY F 122 -9.10 -6.90 20.33
N ASP F 123 -8.29 -7.94 20.51
CA ASP F 123 -7.36 -8.03 21.63
C ASP F 123 -6.20 -7.04 21.47
N THR F 124 -6.09 -6.13 22.44
CA THR F 124 -4.83 -5.45 22.79
C THR F 124 -3.82 -6.36 23.46
N PRO F 125 -2.56 -5.93 23.52
CA PRO F 125 -1.53 -6.75 24.15
C PRO F 125 -1.85 -7.16 25.59
N LEU F 126 -2.50 -6.27 26.32
CA LEU F 126 -2.86 -6.55 27.71
C LEU F 126 -3.90 -7.68 27.86
N HIS F 127 -4.86 -7.74 26.93
CA HIS F 127 -5.78 -8.90 26.83
C HIS F 127 -4.97 -10.18 26.72
N ILE F 128 -4.02 -10.21 25.79
CA ILE F 128 -3.32 -11.43 25.45
C ILE F 128 -2.48 -11.84 26.65
N ALA F 129 -1.93 -10.86 27.33
CA ALA F 129 -1.08 -11.12 28.46
C ALA F 129 -1.90 -11.65 29.64
N ALA F 130 -3.05 -11.04 29.90
CA ALA F 130 -4.00 -11.59 30.86
C ALA F 130 -4.43 -13.03 30.52
N ARG F 131 -4.85 -13.26 29.27
CA ARG F 131 -5.27 -14.60 28.82
C ARG F 131 -4.28 -15.65 29.26
N TRP F 132 -3.04 -15.57 28.79
CA TRP F 132 -2.04 -16.62 29.09
C TRP F 132 -1.38 -16.42 30.47
N GLY F 133 -1.73 -15.35 31.18
CA GLY F 133 -1.36 -15.18 32.59
C GLY F 133 0.07 -14.73 32.90
N TYR F 134 0.75 -14.08 31.96
CA TYR F 134 2.16 -13.67 32.14
C TYR F 134 2.31 -12.40 32.98
N GLN F 135 2.75 -12.56 34.22
CA GLN F 135 2.50 -11.52 35.19
C GLN F 135 3.44 -10.34 34.94
N GLY F 136 4.70 -10.66 34.63
CA GLY F 136 5.74 -9.65 34.48
C GLY F 136 5.47 -8.76 33.29
N VAL F 137 5.16 -9.40 32.17
CA VAL F 137 4.54 -8.75 31.03
C VAL F 137 3.40 -7.83 31.46
N ILE F 138 2.37 -8.40 32.11
CA ILE F 138 1.15 -7.65 32.47
C ILE F 138 1.54 -6.38 33.20
N GLU F 139 2.43 -6.54 34.18
CA GLU F 139 2.89 -5.40 34.97
C GLU F 139 3.56 -4.36 34.06
N THR F 140 4.56 -4.78 33.28
CA THR F 140 5.31 -3.87 32.40
C THR F 140 4.35 -3.01 31.60
N LEU F 141 3.30 -3.63 31.11
CA LEU F 141 2.30 -2.96 30.28
C LEU F 141 1.52 -1.95 31.08
N LEU F 142 1.07 -2.37 32.25
CA LEU F 142 0.30 -1.50 33.13
C LEU F 142 1.12 -0.31 33.59
N GLN F 143 2.35 -0.57 34.02
CA GLN F 143 3.27 0.52 34.36
C GLN F 143 3.42 1.59 33.27
N ASN F 144 3.27 1.20 32.01
CA ASN F 144 3.48 2.14 30.92
C ASN F 144 2.16 2.58 30.29
N GLY F 145 1.06 2.36 31.00
CA GLY F 145 -0.21 3.03 30.69
C GLY F 145 -1.30 2.15 30.11
N ALA F 146 -1.06 0.84 30.04
CA ALA F 146 -2.01 -0.05 29.37
C ALA F 146 -3.42 0.10 29.94
N SER F 147 -4.36 0.53 29.11
CA SER F 147 -5.77 0.60 29.48
C SER F 147 -6.35 -0.74 29.94
N THR F 148 -7.25 -0.66 30.93
CA THR F 148 -7.81 -1.84 31.60
C THR F 148 -9.32 -1.97 31.27
N GLU F 149 -9.84 -1.04 30.45
CA GLU F 149 -11.25 -1.02 30.06
C GLU F 149 -11.44 -1.49 28.62
N ILE F 150 -10.74 -0.82 27.69
CA ILE F 150 -10.68 -1.18 26.25
C ILE F 150 -11.06 -2.63 25.94
N GLN F 151 -11.99 -2.79 25.02
CA GLN F 151 -12.90 -3.92 25.03
C GLN F 151 -12.76 -4.73 23.76
N ASN F 152 -12.43 -6.01 23.89
CA ASN F 152 -12.13 -6.78 22.69
C ASN F 152 -13.42 -7.01 21.91
N ARG F 153 -13.34 -7.69 20.77
CA ARG F 153 -14.53 -7.84 19.91
C ARG F 153 -15.67 -8.56 20.62
N LEU F 154 -15.37 -9.69 21.29
CA LEU F 154 -16.36 -10.40 22.15
C LEU F 154 -16.81 -9.58 23.39
N LYS F 155 -16.58 -8.26 23.37
CA LYS F 155 -17.00 -7.36 24.45
C LYS F 155 -16.31 -7.61 25.81
N GLU F 156 -15.20 -8.35 25.81
CA GLU F 156 -14.39 -8.54 27.00
C GLU F 156 -13.40 -7.38 27.21
N THR F 157 -13.16 -7.06 28.48
CA THR F 157 -12.02 -6.20 28.89
C THR F 157 -10.80 -7.06 29.20
N PRO F 158 -9.64 -6.45 29.42
CA PRO F 158 -8.48 -7.22 29.86
C PRO F 158 -8.65 -7.93 31.21
N LEU F 159 -9.55 -7.42 32.06
CA LEU F 159 -9.81 -8.00 33.38
C LEU F 159 -10.57 -9.33 33.24
N LYS F 160 -11.72 -9.24 32.57
CA LYS F 160 -12.42 -10.39 32.01
C LYS F 160 -11.50 -11.49 31.48
N CYS F 161 -10.43 -11.12 30.80
CA CYS F 161 -9.57 -12.11 30.15
C CYS F 161 -8.58 -12.77 31.11
N ALA F 162 -8.43 -12.21 32.31
CA ALA F 162 -7.42 -12.68 33.26
C ALA F 162 -7.56 -14.18 33.50
N LEU F 163 -6.44 -14.86 33.65
CA LEU F 163 -6.44 -16.31 33.87
C LEU F 163 -7.13 -16.67 35.19
N ASN F 164 -6.59 -16.17 36.30
CA ASN F 164 -7.07 -16.56 37.63
C ASN F 164 -7.38 -15.34 38.48
N SER F 165 -7.86 -15.60 39.69
CA SER F 165 -8.13 -14.54 40.65
C SER F 165 -6.84 -13.82 41.07
N LYS F 166 -5.71 -14.53 41.04
CA LYS F 166 -4.40 -13.91 41.29
C LYS F 166 -4.10 -12.82 40.29
N ILE F 167 -4.07 -13.19 39.02
CA ILE F 167 -3.73 -12.23 37.98
C ILE F 167 -4.75 -11.11 38.01
N LEU F 168 -6.04 -11.46 38.05
CA LEU F 168 -7.11 -10.47 38.09
C LEU F 168 -6.78 -9.36 39.07
N SER F 169 -6.40 -9.73 40.29
CA SER F 169 -6.17 -8.77 41.35
C SER F 169 -4.94 -7.89 41.10
N VAL F 170 -3.89 -8.49 40.51
CA VAL F 170 -2.68 -7.75 40.05
C VAL F 170 -3.07 -6.56 39.15
N MET F 171 -4.04 -6.78 38.29
CA MET F 171 -4.51 -5.75 37.35
C MET F 171 -5.40 -4.72 38.02
N GLU F 172 -6.19 -5.17 38.98
CA GLU F 172 -7.16 -4.33 39.70
C GLU F 172 -6.45 -3.35 40.61
N ALA F 173 -5.39 -3.84 41.25
CA ALA F 173 -4.33 -2.99 41.84
C ALA F 173 -4.14 -1.66 41.13
N TYR F 174 -3.85 -1.73 39.83
CA TYR F 174 -3.52 -0.53 39.07
C TYR F 174 -4.74 0.36 38.85
N HIS F 175 -5.87 -0.22 38.46
CA HIS F 175 -7.11 0.54 38.36
C HIS F 175 -7.97 0.43 39.64
PG GCP G . -12.41 -14.51 -1.25
O1G GCP G . -13.81 -14.07 -1.24
O2G GCP G . -11.92 -14.88 -2.72
O3G GCP G . -11.35 -13.43 -0.80
C3B GCP G . -12.33 -15.78 -0.07
PB GCP G . -13.35 -17.11 -0.62
O1B GCP G . -14.69 -16.89 -0.05
O2B GCP G . -13.58 -17.22 -2.20
O3A GCP G . -12.69 -18.41 0.04
PA GCP G . -11.80 -19.53 -0.73
O1A GCP G . -12.80 -20.33 -1.56
O2A GCP G . -10.50 -18.96 -1.32
O5' GCP G . -11.42 -20.48 0.54
C5' GCP G . -10.61 -19.94 1.59
C4' GCP G . -9.76 -20.98 2.30
O4' GCP G . -10.59 -21.86 3.07
C3' GCP G . -8.99 -21.80 1.28
O3' GCP G . -7.62 -21.93 1.65
C2' GCP G . -9.73 -23.12 1.30
O2' GCP G . -8.86 -24.21 1.08
C1' GCP G . -10.40 -23.21 2.66
N9 GCP G . -11.71 -23.89 2.55
C8 GCP G . -12.67 -23.57 1.69
N7 GCP G . -13.76 -24.35 1.81
C5 GCP G . -13.47 -25.20 2.79
C6 GCP G . -14.20 -26.30 3.42
O6 GCP G . -15.37 -26.62 3.06
N1 GCP G . -13.59 -26.96 4.39
C2 GCP G . -12.35 -26.63 4.79
N2 GCP G . -11.85 -27.39 5.80
N3 GCP G . -11.62 -25.63 4.24
C4 GCP G . -12.12 -24.89 3.27
MG MG H . -12.73 -16.37 -3.88
PG GCP I . -6.61 18.74 -22.57
O1G GCP I . -6.46 19.35 -21.24
O2G GCP I . -5.48 17.67 -22.89
O3G GCP I . -8.09 18.19 -22.57
C3B GCP I . -6.67 19.88 -23.90
PB GCP I . -5.28 20.93 -23.72
O1B GCP I . -5.64 21.87 -22.66
O2B GCP I . -3.92 20.19 -23.38
O3A GCP I . -5.28 21.49 -25.20
PA GCP I . -4.18 21.06 -26.28
O1A GCP I . -2.95 21.73 -25.78
O2A GCP I . -4.10 19.60 -26.69
O5' GCP I . -4.75 21.93 -27.52
C5' GCP I . -6.07 21.74 -28.05
C4' GCP I . -6.17 22.31 -29.46
O4' GCP I . -5.94 23.74 -29.50
C3' GCP I . -5.13 21.73 -30.41
O3' GCP I . -5.78 21.47 -31.66
C2' GCP I . -4.05 22.79 -30.52
O2' GCP I . -3.28 22.75 -31.71
C1' GCP I . -4.85 24.06 -30.40
N9 GCP I . -4.06 25.15 -29.82
C8 GCP I . -3.40 25.08 -28.65
N7 GCP I . -2.79 26.26 -28.34
C5 GCP I . -3.08 27.08 -29.33
C6 GCP I . -2.72 28.47 -29.61
O6 GCP I . -2.01 29.13 -28.84
N1 GCP I . -3.20 28.98 -30.73
C2 GCP I . -3.97 28.24 -31.58
N2 GCP I . -4.43 28.84 -32.69
N3 GCP I . -4.33 26.95 -31.38
C4 GCP I . -3.92 26.35 -30.28
MG MG J . -3.49 18.21 -23.00
PG GCP K . 25.03 -8.97 35.76
O1G GCP K . 25.22 -7.68 35.07
O2G GCP K . 23.47 -9.39 35.78
O3G GCP K . 25.93 -10.10 35.07
C3B GCP K . 25.69 -8.82 37.41
PB GCP K . 24.91 -7.45 38.25
O1B GCP K . 25.69 -6.27 37.81
O2B GCP K . 23.40 -7.29 37.78
O3A GCP K . 24.95 -7.73 39.84
PA GCP K . 23.67 -8.40 40.56
O1A GCP K . 22.67 -7.38 41.03
O2A GCP K . 23.21 -9.59 39.76
O5' GCP K . 24.27 -8.91 41.96
C5' GCP K . 25.50 -9.64 42.06
C4' GCP K . 25.55 -10.34 43.40
O4' GCP K . 26.15 -9.44 44.31
C3' GCP K . 24.17 -10.71 43.95
O3' GCP K . 24.16 -11.97 44.61
C2' GCP K . 23.87 -9.61 44.96
O2' GCP K . 23.09 -10.04 46.07
C1' GCP K . 25.24 -9.13 45.38
N9 GCP K . 25.18 -7.68 45.65
C8 GCP K . 24.69 -6.71 44.84
N7 GCP K . 24.79 -5.50 45.41
C5 GCP K . 25.33 -5.68 46.61
C6 GCP K . 25.71 -4.82 47.72
O6 GCP K . 25.51 -3.59 47.64
N1 GCP K . 26.27 -5.42 48.78
C2 GCP K . 26.48 -6.74 48.83
N2 GCP K . 27.04 -7.29 49.93
N3 GCP K . 26.15 -7.58 47.85
C4 GCP K . 25.59 -7.10 46.75
MG MG L . 22.03 -8.06 36.42
#